data_7ZXF
#
_entry.id   7ZXF
#
_cell.length_a   156.880
_cell.length_b   156.880
_cell.length_c   148.761
_cell.angle_alpha   90.000
_cell.angle_beta   90.000
_cell.angle_gamma   90.000
#
_symmetry.space_group_name_H-M   'P 41 21 2'
#
loop_
_entity.id
_entity.type
_entity.pdbx_description
1 polymer 'Gametocyte surface protein P45/48'
2 polymer '85RF45.1 heavy chain'
3 polymer '85RF45.1 light chain'
4 polymer '10D8 heavy chain'
5 polymer '10D8 light chain'
6 branched alpha-D-mannopyranose-(1-3)-beta-D-mannopyranose-(1-4)-2-acetamido-2-deoxy-beta-D-glucopyranose-(1-4)-2-acetamido-2-deoxy-beta-D-glucopyranose
#
loop_
_entity_poly.entity_id
_entity_poly.type
_entity_poly.pdbx_seq_one_letter_code
_entity_poly.pdbx_strand_id
1 'polypeptide(L)'
;MMLYISAKKAQVAFILYIVLVLRIISGNNDFCKPSSLNSEISGFIGYKCNFSNEGVHNLKPDMRERRSIFCTIHSYFIYD
KIRLIIPKKSSSPEFKILPEKCFQKVYTDYENRVETDISELGLIEYEIEENDTNPNYNERTITISPFSPKDIEFFCFCDN
TEKVISSIEGRSAMVHVRVLKYPHNILFTNLTNDLFTYLPKTYNESNFVSNVLEVELNDGELFVLACELINKKCFQEGKE
KALYKSNKIIYHKNLTIFKAPFYVTSKDVNTECTCKFKNNNYKIVLKPKYEKKVIHGCNFSSNVSSKHTFTDSLDISLVD
DSAHISCNVHLSEPKYNHLVGLNCPGDIIPDCFFQVYQPESEELEPSNIVYLDSQINIGDIEYYEDAEGDDKIKLFGIVG
SIPKTTSFTCICKKDKKSAYMTVTIDSAYYGFLAKTFIFLIVAILLYI
;
A
2 'polypeptide(L)'
;EVQLVESGGGLLQPGRSLKLSCVASGFTFNNYWMSWIRQAPGKGLEWIASISNIGGTIYYPDSVKGRFTISRDSAQNTLY
LQMNSLRSEDTATYYCTRDLRMSDYFDYWGQGVMVTVSSAETTAPSVYPLAPGTALKSNSMVTLGCLVKGYFPEPVTVTW
NSGALSSGVHTFPAVLQSGLYTLTSSVTVPSSTWPSQTVTCNVAHPASSTKVDKKIVPRNCGGDCKPCICTGSEVSSVFI
FPPKPKDVLTITLTPKVTCVVVDISQDDPEVHFSWFVDDVEVHTAQTRPPEEQFNSTFRSVSELPILHQDWLNGRTFRCK
VTSAAFPSPIEKTISKPEGRTQVPHVYTMSPTKEEMTQNEVSITCMVKGFYPPDIYVEWQMNGQPQENYKNTPPTMDTDG
SYFLYSKLNVKKEKWQQGNTFTCSVLHEGLHNHHTEKSLSHSPGK
;
B
3 'polypeptide(L)'
;QFVLSQPNSVSTNLGSTVKLSCKRSTGNIGSNYVSWYQHHEGRSPTTMIYRDDQRPDGVPDRFSGSIDRSSNSALLTIDN
VQTEDEAAYFCHSYSTGMYIFGGGTKLTVLGQPKSTPTLTMFPPSPEELQENKATLVCLISNFSPSGVTVAWKANGTPIT
QGVDTSNPTKEDNKYMASSFLHLTSDQWRSHNSFTCQVTHEGNTVEKTVSPTECVA
;
C
4 'polypeptide(L)'
;MNFGLSLIFLVLVLKGVQCEVMLVESGGDLVKPGGSLKVSCAASGFTFSNYAMSWVRQTPEKRLEWVATISSGASYTHYP
DSVKGRFTISRDNAKNTLYLQMSSLRSEDTAMYYCGRQVNRHDRALDAMDYWGQGTSVTVSPAKTTPPSVYPLAPGSAAQ
TNSMVTLGCLVKGYFPEPVTVTWNSGSLSSGVHTFPAVLQSDLYTLSSSVTVPSSTWPSETVTCNVAHPASSTKVDKKIV
PRDCGCKPCICTVPEVSSVFIFPPKPKDVLTITLTPKVTCVVVDISKDDPEVQFSWFVDDVEVHTAQTQPREEQFNSTFR
SVSELPIMHQDWLNGKEFKCRVNSAAFPAPIEKTISKTKGRPKAPQVYTIPPPKEQMAKDKVSLTCMITDFFPEDITVEW
QWNGQPAENYKNTQPIMDTDGSYFVYSKLNVQKSNWEAGNTFTCSVLHEGLHNHHTEKSLSHSPGK
;
D
5 'polypeptide(L)'
;MDSQAQVLMLLLLWVSGTCGDIVMSQSPSSLAVSVGEKVTMSCKSSQSLFYSSNQKNYLAWYQQKPGQSPKLLIYWASTR
ESGVPDRFTGSGSGTDFTLTISSVKAEDLAVYYCQQYYSYPPTFGGGTKLEIKRADAAPTVSIFPPSSEQLTSGGASVVC
FLNNFYPKDINVKWKIDGSERQNGVLNSWTDQDSKDSTYSMSSTLTLTKDEYERHNSYTCEATHKTSTSPIVKSFNRNEC
;
E
#
# COMPACT_ATOMS: atom_id res chain seq x y z
N ILE A 45 5.69 -32.45 5.53
CA ILE A 45 5.69 -33.35 4.39
C ILE A 45 6.92 -33.13 3.52
N GLY A 46 7.14 -34.02 2.57
CA GLY A 46 8.25 -33.91 1.66
C GLY A 46 8.06 -34.80 0.46
N TYR A 47 9.12 -34.88 -0.35
CA TYR A 47 9.08 -35.69 -1.57
C TYR A 47 9.00 -37.18 -1.21
N LYS A 48 8.40 -37.94 -2.12
CA LYS A 48 8.19 -39.37 -1.88
C LYS A 48 8.15 -40.11 -3.22
N CYS A 49 8.59 -41.36 -3.20
CA CYS A 49 8.50 -42.24 -4.36
C CYS A 49 8.25 -43.67 -3.86
N ASN A 50 7.26 -44.33 -4.45
CA ASN A 50 6.71 -45.59 -3.93
C ASN A 50 6.93 -46.70 -4.95
N PHE A 51 7.40 -47.85 -4.48
CA PHE A 51 7.70 -48.98 -5.35
C PHE A 51 7.18 -50.30 -4.78
N SER A 52 6.06 -50.26 -4.05
CA SER A 52 5.48 -51.48 -3.51
C SER A 52 3.96 -51.45 -3.61
N ASN A 53 3.37 -50.30 -3.28
CA ASN A 53 1.92 -50.13 -3.36
C ASN A 53 1.45 -50.05 -4.81
N ILE A 69 8.67 -47.04 -14.72
CA ILE A 69 8.42 -45.68 -14.28
C ILE A 69 9.72 -45.06 -13.79
N PHE A 70 9.75 -43.73 -13.67
CA PHE A 70 10.95 -43.02 -13.27
C PHE A 70 10.60 -41.96 -12.23
N CYS A 71 11.43 -41.88 -11.19
CA CYS A 71 11.23 -40.97 -10.07
C CYS A 71 12.19 -39.78 -10.24
N THR A 72 11.77 -38.84 -11.08
CA THR A 72 12.60 -37.68 -11.41
C THR A 72 12.41 -36.58 -10.36
N ILE A 73 13.51 -36.07 -9.83
CA ILE A 73 13.46 -35.06 -8.77
C ILE A 73 14.71 -34.18 -8.87
N HIS A 74 14.49 -32.87 -8.73
CA HIS A 74 15.59 -31.91 -8.69
C HIS A 74 15.06 -30.60 -8.13
N SER A 75 15.71 -30.08 -7.10
CA SER A 75 15.27 -28.85 -6.44
C SER A 75 16.33 -28.43 -5.43
N TYR A 76 16.17 -27.23 -4.90
CA TYR A 76 16.95 -26.78 -3.75
C TYR A 76 16.25 -27.26 -2.49
N PHE A 77 16.93 -28.13 -1.74
CA PHE A 77 16.29 -28.87 -0.65
C PHE A 77 16.59 -28.17 0.68
N ILE A 78 15.54 -27.64 1.31
CA ILE A 78 15.66 -26.94 2.57
C ILE A 78 15.28 -27.90 3.71
N TYR A 79 16.21 -28.77 4.09
CA TYR A 79 16.00 -29.76 5.14
C TYR A 79 14.75 -30.59 4.86
N ASP A 80 14.57 -30.97 3.61
CA ASP A 80 13.45 -31.81 3.21
C ASP A 80 13.84 -33.28 3.25
N LYS A 81 12.84 -34.15 3.33
CA LYS A 81 13.03 -35.59 3.50
C LYS A 81 12.53 -36.31 2.26
N ILE A 82 13.46 -36.86 1.50
CA ILE A 82 13.13 -37.63 0.30
C ILE A 82 12.77 -39.04 0.71
N ARG A 83 11.54 -39.46 0.42
CA ARG A 83 11.02 -40.75 0.86
C ARG A 83 11.08 -41.76 -0.29
N LEU A 84 11.59 -42.96 0.00
CA LEU A 84 11.57 -44.08 -0.93
C LEU A 84 10.99 -45.29 -0.23
N ILE A 85 10.38 -46.18 -1.01
CA ILE A 85 9.67 -47.34 -0.46
C ILE A 85 10.11 -48.58 -1.22
N ILE A 86 10.63 -49.58 -0.49
CA ILE A 86 10.99 -50.86 -1.07
C ILE A 86 10.49 -52.00 -0.19
N ILE A 97 17.69 -52.62 -5.68
CA ILE A 97 18.24 -51.30 -5.40
C ILE A 97 19.76 -51.32 -5.52
N LEU A 98 20.28 -50.55 -6.47
CA LEU A 98 21.70 -50.49 -6.77
C LEU A 98 22.09 -49.04 -7.01
N PRO A 99 23.35 -48.67 -6.74
CA PRO A 99 24.47 -49.49 -6.26
C PRO A 99 24.47 -49.74 -4.75
N GLU A 100 24.80 -50.98 -4.35
CA GLU A 100 24.89 -51.40 -2.96
C GLU A 100 23.72 -50.89 -2.12
N LYS A 101 24.03 -50.17 -1.04
CA LYS A 101 23.03 -49.53 -0.20
C LYS A 101 23.05 -48.04 -0.51
N CYS A 102 21.96 -47.53 -1.07
CA CYS A 102 21.92 -46.14 -1.48
C CYS A 102 21.94 -45.23 -0.25
N PHE A 103 22.11 -43.93 -0.53
CA PHE A 103 22.21 -42.86 0.46
C PHE A 103 23.54 -42.94 1.21
N GLN A 104 24.27 -44.03 1.05
CA GLN A 104 25.69 -44.04 1.33
C GLN A 104 26.50 -44.50 0.12
N LYS A 105 25.88 -45.23 -0.81
CA LYS A 105 26.48 -45.57 -2.09
C LYS A 105 25.66 -44.87 -3.18
N VAL A 106 26.35 -44.42 -4.23
CA VAL A 106 25.74 -43.51 -5.18
C VAL A 106 26.22 -43.83 -6.60
N TYR A 107 25.32 -43.69 -7.56
CA TYR A 107 25.56 -43.96 -8.98
C TYR A 107 25.93 -42.66 -9.69
N THR A 108 27.11 -42.13 -9.33
CA THR A 108 27.58 -40.86 -9.84
C THR A 108 27.72 -40.87 -11.35
N ASP A 109 28.75 -41.55 -11.87
CA ASP A 109 28.94 -41.67 -13.30
C ASP A 109 28.06 -42.80 -13.80
N TYR A 110 26.93 -42.44 -14.41
CA TYR A 110 25.95 -43.44 -14.83
C TYR A 110 26.50 -44.33 -15.94
N GLU A 111 27.30 -43.76 -16.85
CA GLU A 111 27.77 -44.51 -18.00
C GLU A 111 28.87 -45.48 -17.61
N ASN A 112 29.84 -45.02 -16.82
CA ASN A 112 30.89 -45.89 -16.31
C ASN A 112 30.39 -46.84 -15.23
N ARG A 113 29.16 -46.67 -14.76
CA ARG A 113 28.54 -47.50 -13.73
C ARG A 113 29.48 -47.64 -12.53
N VAL A 114 29.67 -46.52 -11.84
CA VAL A 114 30.54 -46.45 -10.69
C VAL A 114 29.70 -46.33 -9.42
N GLU A 115 30.37 -46.45 -8.27
CA GLU A 115 29.71 -46.51 -6.95
C GLU A 115 30.45 -45.57 -6.00
N THR A 116 30.23 -44.27 -6.16
CA THR A 116 30.84 -43.28 -5.28
C THR A 116 30.05 -43.18 -3.98
N ASP A 117 30.75 -43.23 -2.85
CA ASP A 117 30.07 -43.13 -1.57
C ASP A 117 29.57 -41.70 -1.35
N ILE A 118 28.53 -41.59 -0.52
CA ILE A 118 27.98 -40.28 -0.19
C ILE A 118 28.92 -39.44 0.66
N SER A 119 29.96 -40.04 1.24
CA SER A 119 30.91 -39.29 2.04
C SER A 119 31.80 -38.42 1.16
N GLU A 120 32.19 -38.92 -0.01
CA GLU A 120 33.09 -38.18 -0.90
C GLU A 120 32.28 -37.37 -1.92
N LEU A 121 31.40 -36.52 -1.39
CA LEU A 121 30.54 -35.68 -2.20
C LEU A 121 30.59 -34.24 -1.67
N GLY A 122 29.99 -33.33 -2.43
CA GLY A 122 30.11 -31.91 -2.17
C GLY A 122 29.12 -31.29 -1.21
N LEU A 123 28.19 -32.05 -0.67
CA LEU A 123 27.20 -31.51 0.25
C LEU A 123 27.81 -31.31 1.63
N ILE A 124 27.39 -30.24 2.31
CA ILE A 124 27.95 -29.92 3.62
C ILE A 124 27.34 -30.81 4.70
N GLU A 125 26.02 -30.75 4.87
CA GLU A 125 25.34 -31.47 5.94
C GLU A 125 24.23 -32.32 5.36
N TYR A 126 24.25 -33.61 5.68
CA TYR A 126 23.22 -34.54 5.24
C TYR A 126 22.87 -35.49 6.38
N GLU A 127 21.73 -36.16 6.23
CA GLU A 127 21.28 -37.13 7.22
C GLU A 127 20.55 -38.24 6.48
N ILE A 128 21.13 -39.43 6.48
CA ILE A 128 20.57 -40.58 5.76
C ILE A 128 19.92 -41.51 6.78
N GLU A 129 18.74 -42.02 6.44
CA GLU A 129 17.94 -42.80 7.36
C GLU A 129 17.44 -44.07 6.70
N GLU A 130 17.47 -45.17 7.45
CA GLU A 130 16.98 -46.47 7.01
C GLU A 130 15.97 -46.97 8.03
N ASN A 131 14.74 -47.17 7.61
CA ASN A 131 13.67 -47.63 8.48
C ASN A 131 13.23 -49.02 8.06
N ASP A 132 13.29 -49.96 9.02
CA ASP A 132 12.79 -51.32 8.83
C ASP A 132 11.66 -51.63 9.79
N THR A 133 11.29 -50.70 10.67
CA THR A 133 10.27 -50.97 11.68
C THR A 133 8.93 -51.30 11.04
N ASN A 134 8.63 -50.74 9.87
CA ASN A 134 7.37 -51.03 9.19
C ASN A 134 7.38 -52.47 8.72
N PRO A 135 6.30 -53.22 8.95
CA PRO A 135 6.28 -54.65 8.57
C PRO A 135 5.98 -54.90 7.10
N ASN A 136 5.90 -53.88 6.26
CA ASN A 136 5.61 -54.06 4.85
C ASN A 136 6.71 -53.57 3.92
N TYR A 137 7.47 -52.55 4.30
CA TYR A 137 8.49 -52.01 3.41
C TYR A 137 9.74 -51.62 4.20
N ASN A 138 10.87 -51.70 3.52
CA ASN A 138 12.17 -51.23 4.02
C ASN A 138 12.45 -49.90 3.34
N GLU A 139 11.94 -48.82 3.94
CA GLU A 139 12.00 -47.51 3.30
C GLU A 139 13.34 -46.84 3.58
N ARG A 140 13.76 -45.99 2.64
CA ARG A 140 15.02 -45.26 2.72
C ARG A 140 14.75 -43.78 2.53
N THR A 141 15.29 -42.95 3.43
CA THR A 141 15.06 -41.52 3.40
C THR A 141 16.36 -40.77 3.66
N ILE A 142 16.37 -39.48 3.34
CA ILE A 142 17.55 -38.65 3.49
C ILE A 142 17.12 -37.19 3.63
N THR A 143 17.77 -36.48 4.54
CA THR A 143 17.53 -35.06 4.76
C THR A 143 18.72 -34.27 4.19
N ILE A 144 18.41 -33.22 3.44
CA ILE A 144 19.42 -32.42 2.74
C ILE A 144 19.39 -31.00 3.31
N SER A 145 20.47 -30.61 3.99
CA SER A 145 20.58 -29.24 4.45
C SER A 145 20.75 -28.31 3.25
N PRO A 146 20.20 -27.09 3.33
CA PRO A 146 20.42 -26.12 2.24
C PRO A 146 21.88 -25.76 2.04
N PHE A 147 22.74 -26.08 2.99
CA PHE A 147 24.18 -25.81 2.88
C PHE A 147 24.78 -26.74 1.84
N SER A 148 24.96 -26.25 0.62
CA SER A 148 25.56 -27.04 -0.44
C SER A 148 26.39 -26.13 -1.34
N PRO A 149 27.73 -26.20 -1.28
CA PRO A 149 28.56 -25.34 -2.13
C PRO A 149 28.70 -25.81 -3.57
N LYS A 150 28.26 -27.01 -3.90
CA LYS A 150 28.32 -27.52 -5.26
C LYS A 150 26.97 -28.08 -5.66
N ASP A 151 26.79 -28.27 -6.96
CA ASP A 151 25.57 -28.88 -7.51
C ASP A 151 25.84 -30.37 -7.66
N ILE A 152 25.41 -31.14 -6.68
CA ILE A 152 25.72 -32.57 -6.58
C ILE A 152 24.62 -33.37 -7.28
N GLU A 153 25.02 -34.41 -8.00
CA GLU A 153 24.11 -35.25 -8.77
C GLU A 153 24.39 -36.71 -8.42
N PHE A 154 23.46 -37.35 -7.71
CA PHE A 154 23.64 -38.70 -7.22
C PHE A 154 22.45 -39.57 -7.61
N PHE A 155 22.72 -40.72 -8.22
CA PHE A 155 21.68 -41.57 -8.78
C PHE A 155 21.64 -42.91 -8.03
N CYS A 156 20.49 -43.59 -8.16
CA CYS A 156 20.25 -44.89 -7.54
C CYS A 156 18.99 -45.52 -8.15
N PHE A 157 19.12 -46.68 -8.79
CA PHE A 157 18.00 -47.28 -9.48
C PHE A 157 17.61 -48.61 -8.84
N CYS A 158 16.54 -49.22 -9.36
CA CYS A 158 16.06 -50.50 -8.88
C CYS A 158 15.47 -51.32 -10.02
N MET A 174 13.90 -46.61 -11.58
CA MET A 174 15.05 -45.71 -11.56
C MET A 174 14.74 -44.45 -10.75
N VAL A 175 15.67 -44.08 -9.87
CA VAL A 175 15.51 -42.93 -8.97
C VAL A 175 16.78 -42.10 -9.07
N HIS A 176 16.77 -41.09 -9.93
CA HIS A 176 17.89 -40.17 -10.06
C HIS A 176 17.58 -38.86 -9.35
N VAL A 177 18.56 -38.36 -8.60
CA VAL A 177 18.40 -37.16 -7.79
C VAL A 177 19.60 -36.25 -8.00
N ARG A 178 19.35 -35.03 -8.47
CA ARG A 178 20.37 -34.00 -8.55
C ARG A 178 19.99 -32.87 -7.61
N VAL A 179 20.77 -32.69 -6.55
CA VAL A 179 20.51 -31.65 -5.57
C VAL A 179 21.02 -30.32 -6.10
N LEU A 180 20.12 -29.37 -6.30
CA LEU A 180 20.50 -28.06 -6.79
C LEU A 180 20.99 -27.18 -5.65
N LYS A 181 21.74 -26.14 -6.01
CA LYS A 181 22.26 -25.18 -5.05
C LYS A 181 21.32 -23.99 -4.91
N TYR A 182 21.19 -23.50 -3.69
CA TYR A 182 20.31 -22.37 -3.42
C TYR A 182 20.94 -21.08 -3.93
N PRO A 183 20.32 -20.38 -4.88
CA PRO A 183 20.96 -19.18 -5.45
C PRO A 183 21.02 -18.00 -4.48
N HIS A 184 20.24 -17.99 -3.41
CA HIS A 184 20.14 -16.83 -2.54
C HIS A 184 21.23 -16.84 -1.48
N ASN A 185 21.49 -15.65 -0.93
CA ASN A 185 22.43 -15.52 0.17
C ASN A 185 21.81 -16.10 1.45
N ILE A 186 22.68 -16.57 2.34
CA ILE A 186 22.27 -17.18 3.59
C ILE A 186 22.91 -16.41 4.74
N LEU A 187 22.09 -15.99 5.69
CA LEU A 187 22.54 -15.22 6.85
C LEU A 187 22.33 -16.07 8.10
N PHE A 188 23.41 -16.66 8.60
CA PHE A 188 23.37 -17.55 9.76
C PHE A 188 23.69 -16.76 11.02
N THR A 189 22.76 -16.76 11.97
CA THR A 189 22.92 -16.06 13.25
C THR A 189 23.01 -17.13 14.35
N ASN A 190 24.22 -17.64 14.56
CA ASN A 190 24.44 -18.74 15.48
C ASN A 190 24.60 -18.19 16.90
N LEU A 191 23.60 -18.44 17.73
CA LEU A 191 23.60 -18.00 19.12
C LEU A 191 23.45 -19.21 20.04
N THR A 192 24.25 -20.25 19.79
CA THR A 192 24.18 -21.48 20.57
C THR A 192 25.60 -21.93 20.90
N ASN A 193 25.68 -22.88 21.84
CA ASN A 193 26.98 -23.36 22.30
C ASN A 193 27.71 -24.14 21.22
N ASP A 194 26.98 -24.88 20.39
CA ASP A 194 27.60 -25.75 19.39
C ASP A 194 28.36 -24.91 18.37
N LEU A 195 29.67 -25.13 18.30
CA LEU A 195 30.53 -24.45 17.34
C LEU A 195 30.19 -24.94 15.94
N PHE A 196 29.42 -24.15 15.19
CA PHE A 196 28.97 -24.53 13.86
C PHE A 196 29.99 -24.07 12.83
N THR A 197 31.02 -24.89 12.66
CA THR A 197 32.13 -24.59 11.78
C THR A 197 31.90 -25.03 10.34
N TYR A 198 30.69 -25.48 10.00
CA TYR A 198 30.43 -25.91 8.63
C TYR A 198 30.42 -24.72 7.67
N LEU A 199 29.77 -23.63 8.06
CA LEU A 199 29.79 -22.40 7.28
C LEU A 199 30.69 -21.39 7.97
N PRO A 200 31.73 -20.88 7.28
CA PRO A 200 32.67 -19.96 7.92
C PRO A 200 32.03 -18.69 8.46
N LYS A 201 31.44 -17.88 7.58
CA LYS A 201 30.89 -16.60 8.01
C LYS A 201 29.63 -16.80 8.84
N THR A 202 29.53 -16.09 9.97
CA THR A 202 28.38 -16.18 10.84
C THR A 202 28.24 -14.91 11.65
N TYR A 203 27.05 -14.73 12.23
CA TYR A 203 26.72 -13.56 13.04
C TYR A 203 26.36 -14.02 14.45
N ASN A 204 26.78 -13.24 15.45
CA ASN A 204 26.47 -13.60 16.84
C ASN A 204 26.14 -12.33 17.61
N GLU A 205 26.14 -12.43 18.94
CA GLU A 205 25.52 -11.42 19.79
C GLU A 205 26.25 -10.09 19.76
N SER A 206 27.52 -10.07 19.38
CA SER A 206 28.25 -8.81 19.35
C SER A 206 27.64 -7.84 18.34
N ASN A 207 27.03 -8.37 17.28
CA ASN A 207 26.38 -7.52 16.27
C ASN A 207 25.09 -6.90 16.77
N PHE A 208 24.56 -7.34 17.91
CA PHE A 208 23.35 -6.76 18.46
C PHE A 208 23.63 -5.35 18.98
N VAL A 209 22.59 -4.53 19.02
CA VAL A 209 22.66 -3.14 19.46
C VAL A 209 21.66 -2.99 20.59
N SER A 210 22.14 -3.05 21.83
CA SER A 210 21.29 -3.00 23.03
C SER A 210 20.24 -4.11 22.97
N ASN A 211 20.68 -5.31 22.60
CA ASN A 211 19.82 -6.48 22.42
C ASN A 211 18.78 -6.23 21.33
N VAL A 212 19.24 -5.73 20.19
CA VAL A 212 18.40 -5.48 19.02
C VAL A 212 19.24 -5.72 17.77
N LEU A 213 18.68 -6.46 16.82
CA LEU A 213 19.34 -6.74 15.55
C LEU A 213 18.38 -6.43 14.41
N GLU A 214 18.81 -5.56 13.50
CA GLU A 214 18.00 -5.08 12.40
C GLU A 214 18.57 -5.64 11.10
N VAL A 215 18.02 -6.77 10.66
CA VAL A 215 18.50 -7.47 9.47
C VAL A 215 17.69 -7.00 8.26
N GLU A 216 18.40 -6.66 7.18
CA GLU A 216 17.78 -6.38 5.89
C GLU A 216 17.82 -7.62 5.02
N LEU A 217 16.78 -7.81 4.22
CA LEU A 217 16.66 -8.97 3.34
C LEU A 217 16.40 -8.52 1.92
N ASN A 218 17.10 -9.13 0.97
CA ASN A 218 16.90 -8.81 -0.44
C ASN A 218 15.61 -9.44 -0.94
N ASP A 219 15.37 -9.34 -2.25
CA ASP A 219 14.12 -9.81 -2.85
C ASP A 219 13.79 -11.23 -2.42
N GLY A 220 14.71 -12.17 -2.66
CA GLY A 220 14.57 -13.52 -2.16
C GLY A 220 15.84 -13.96 -1.48
N GLU A 221 15.74 -14.43 -0.23
CA GLU A 221 16.92 -14.82 0.53
C GLU A 221 16.51 -15.79 1.63
N LEU A 222 17.44 -16.06 2.54
CA LEU A 222 17.24 -17.07 3.58
C LEU A 222 18.00 -16.64 4.82
N PHE A 223 17.28 -16.47 5.92
CA PHE A 223 17.88 -16.08 7.20
C PHE A 223 17.84 -17.27 8.15
N VAL A 224 18.98 -17.61 8.74
CA VAL A 224 19.09 -18.76 9.65
C VAL A 224 19.57 -18.26 11.00
N LEU A 225 19.18 -18.98 12.05
CA LEU A 225 19.63 -18.69 13.40
C LEU A 225 19.56 -19.98 14.22
N ALA A 226 20.35 -20.03 15.29
CA ALA A 226 20.45 -21.23 16.12
C ALA A 226 20.44 -20.84 17.59
N CYS A 227 19.27 -20.95 18.22
CA CYS A 227 19.10 -20.68 19.65
C CYS A 227 17.79 -21.33 20.10
N GLU A 228 17.35 -21.01 21.31
CA GLU A 228 16.15 -21.58 21.90
C GLU A 228 15.18 -20.47 22.27
N LEU A 229 13.95 -20.56 21.79
CA LEU A 229 12.99 -19.48 21.88
C LEU A 229 12.31 -19.45 23.25
N ILE A 230 11.78 -18.28 23.59
CA ILE A 230 10.93 -18.10 24.76
C ILE A 230 9.49 -18.29 24.32
N ASN A 231 8.82 -19.31 24.85
CA ASN A 231 7.46 -19.68 24.51
C ASN A 231 7.27 -19.98 23.02
N LYS A 232 8.36 -19.98 22.24
CA LYS A 232 8.38 -20.46 20.86
C LYS A 232 7.42 -19.70 19.95
N LYS A 233 7.24 -18.40 20.19
CA LYS A 233 6.44 -17.53 19.33
C LYS A 233 7.43 -16.61 18.59
N CYS A 234 7.78 -16.99 17.36
CA CYS A 234 8.83 -16.28 16.63
C CYS A 234 8.57 -16.29 15.14
N PHE A 235 8.97 -15.18 14.51
CA PHE A 235 9.12 -15.03 13.07
C PHE A 235 7.79 -15.15 12.32
N GLN A 236 6.67 -14.97 12.98
CA GLN A 236 5.40 -14.90 12.30
C GLN A 236 4.66 -13.60 12.54
N GLU A 237 4.87 -12.95 13.68
CA GLU A 237 4.14 -11.78 14.09
C GLU A 237 4.85 -10.51 13.60
N GLY A 238 4.23 -9.36 13.85
CA GLY A 238 4.80 -8.09 13.49
C GLY A 238 4.13 -6.98 14.28
N LYS A 239 4.90 -5.96 14.63
CA LYS A 239 4.42 -4.91 15.53
C LYS A 239 4.05 -3.62 14.83
N GLU A 240 4.42 -3.43 13.56
CA GLU A 240 3.98 -2.28 12.80
C GLU A 240 2.56 -2.43 12.26
N LYS A 241 1.75 -3.30 12.88
CA LYS A 241 0.43 -3.67 12.39
C LYS A 241 0.47 -4.17 10.94
N ALA A 242 1.66 -4.54 10.47
CA ALA A 242 1.87 -5.06 9.12
C ALA A 242 2.82 -6.24 9.25
N LEU A 243 2.27 -7.45 9.19
CA LEU A 243 3.03 -8.65 9.47
C LEU A 243 3.87 -9.07 8.26
N TYR A 244 5.17 -9.24 8.48
CA TYR A 244 6.06 -9.75 7.46
C TYR A 244 5.82 -11.25 7.31
N LYS A 245 5.34 -11.67 6.15
CA LYS A 245 5.01 -13.06 5.89
C LYS A 245 5.96 -13.66 4.88
N SER A 246 6.19 -14.97 4.98
CA SER A 246 7.21 -15.66 4.21
C SER A 246 6.61 -16.81 3.42
N ASN A 247 7.39 -17.30 2.46
CA ASN A 247 7.00 -18.49 1.71
C ASN A 247 7.06 -19.75 2.56
N LYS A 248 7.97 -19.79 3.52
CA LYS A 248 8.14 -20.95 4.39
C LYS A 248 8.96 -20.62 5.65
N ILE A 249 8.35 -20.82 6.81
CA ILE A 249 9.05 -20.69 8.09
C ILE A 249 9.30 -22.11 8.58
N ILE A 250 10.50 -22.62 8.34
CA ILE A 250 10.83 -24.02 8.57
C ILE A 250 11.59 -24.13 9.89
N TYR A 251 11.13 -25.04 10.75
CA TYR A 251 11.67 -25.24 12.10
C TYR A 251 12.15 -26.68 12.24
N HIS A 252 13.38 -26.94 11.82
CA HIS A 252 14.01 -28.23 12.09
C HIS A 252 15.24 -28.03 12.98
N LYS A 253 15.57 -29.08 13.74
CA LYS A 253 16.72 -29.08 14.64
C LYS A 253 16.49 -27.97 15.66
N ASN A 254 17.48 -27.12 15.92
CA ASN A 254 17.31 -25.96 16.78
C ASN A 254 17.53 -24.67 15.98
N LEU A 255 17.15 -24.70 14.71
CA LEU A 255 17.46 -23.63 13.76
C LEU A 255 16.17 -23.06 13.20
N THR A 256 15.93 -21.78 13.48
CA THR A 256 14.80 -21.05 12.91
C THR A 256 15.23 -20.40 11.59
N ILE A 257 14.42 -20.61 10.55
CA ILE A 257 14.77 -20.19 9.20
C ILE A 257 13.61 -19.41 8.61
N PHE A 258 13.93 -18.38 7.82
CA PHE A 258 12.94 -17.52 7.16
C PHE A 258 13.25 -17.48 5.68
N LYS A 259 12.27 -17.83 4.85
CA LYS A 259 12.40 -17.77 3.39
C LYS A 259 11.74 -16.49 2.90
N ALA A 260 12.55 -15.56 2.41
CA ALA A 260 12.05 -14.24 2.04
C ALA A 260 11.07 -14.34 0.87
N PRO A 261 9.92 -13.68 0.93
CA PRO A 261 9.02 -13.67 -0.22
C PRO A 261 9.61 -12.84 -1.36
N PHE A 262 9.53 -13.38 -2.58
CA PHE A 262 10.20 -12.75 -3.71
C PHE A 262 9.71 -11.34 -3.95
N TYR A 263 8.45 -11.05 -3.62
CA TYR A 263 7.94 -9.68 -3.68
C TYR A 263 6.86 -9.52 -2.62
N VAL A 264 7.13 -8.67 -1.63
CA VAL A 264 6.14 -8.27 -0.64
C VAL A 264 5.64 -6.88 -1.01
N THR A 265 4.34 -6.65 -0.84
CA THR A 265 3.71 -5.45 -1.40
C THR A 265 3.91 -4.24 -0.51
N SER A 266 3.64 -4.37 0.79
CA SER A 266 3.58 -3.21 1.68
C SER A 266 4.93 -2.50 1.77
N LYS A 267 4.87 -1.24 2.16
CA LYS A 267 6.08 -0.43 2.33
C LYS A 267 6.84 -0.82 3.59
N ASP A 268 6.13 -1.01 4.70
CA ASP A 268 6.74 -1.33 5.98
C ASP A 268 6.17 -2.65 6.49
N VAL A 269 7.03 -3.65 6.63
CA VAL A 269 6.67 -4.94 7.22
C VAL A 269 7.84 -5.42 8.06
N ASN A 270 7.52 -6.11 9.15
CA ASN A 270 8.55 -6.53 10.10
C ASN A 270 8.15 -7.82 10.78
N THR A 271 9.13 -8.46 11.41
CA THR A 271 8.87 -9.66 12.21
C THR A 271 9.89 -9.72 13.34
N GLU A 272 9.42 -10.10 14.52
CA GLU A 272 10.25 -10.13 15.72
C GLU A 272 10.44 -11.57 16.18
N CYS A 273 11.68 -11.95 16.46
CA CYS A 273 11.99 -13.25 17.06
C CYS A 273 12.71 -12.98 18.37
N THR A 274 12.01 -13.18 19.49
CA THR A 274 12.59 -12.95 20.81
C THR A 274 13.17 -14.28 21.29
N CYS A 275 14.48 -14.45 21.12
CA CYS A 275 15.17 -15.67 21.51
C CYS A 275 16.03 -15.39 22.73
N LYS A 276 16.18 -16.40 23.57
CA LYS A 276 16.99 -16.29 24.78
C LYS A 276 18.22 -17.18 24.67
N PHE A 277 19.33 -16.68 25.19
CA PHE A 277 20.59 -17.42 25.24
C PHE A 277 21.55 -16.80 26.27
N LYS A 278 22.13 -17.62 27.14
CA LYS A 278 23.07 -17.15 28.16
C LYS A 278 22.40 -16.13 29.09
N ASN A 279 21.13 -16.39 29.42
CA ASN A 279 20.30 -15.55 30.27
C ASN A 279 20.08 -14.15 29.71
N ASN A 280 20.40 -13.92 28.44
CA ASN A 280 20.12 -12.67 27.77
C ASN A 280 18.98 -12.85 26.79
N ASN A 281 18.25 -11.77 26.52
CA ASN A 281 17.13 -11.79 25.59
C ASN A 281 17.53 -11.05 24.32
N TYR A 282 17.41 -11.72 23.18
CA TYR A 282 17.81 -11.17 21.89
C TYR A 282 16.58 -11.08 21.00
N LYS A 283 16.37 -9.91 20.39
CA LYS A 283 15.27 -9.68 19.46
C LYS A 283 15.84 -9.46 18.07
N ILE A 284 15.45 -10.32 17.13
CA ILE A 284 15.91 -10.25 15.75
C ILE A 284 14.75 -9.70 14.92
N VAL A 285 14.91 -8.48 14.42
CA VAL A 285 13.90 -7.82 13.60
C VAL A 285 14.33 -7.89 12.14
N LEU A 286 13.46 -8.42 11.29
CA LEU A 286 13.73 -8.58 9.87
C LEU A 286 12.81 -7.70 9.04
N LYS A 287 13.37 -7.10 7.98
CA LYS A 287 12.62 -6.24 7.08
C LYS A 287 13.21 -6.37 5.69
N PRO A 288 12.41 -6.17 4.65
CA PRO A 288 12.93 -6.28 3.29
C PRO A 288 13.69 -5.03 2.85
N LYS A 289 14.62 -5.24 1.91
CA LYS A 289 15.33 -4.15 1.28
C LYS A 289 14.39 -3.36 0.37
N TYR A 290 14.85 -2.19 -0.08
CA TYR A 290 14.13 -1.52 -1.16
C TYR A 290 14.02 -2.47 -2.32
N GLU A 291 12.86 -3.09 -2.50
CA GLU A 291 12.72 -4.09 -3.54
C GLU A 291 12.87 -3.42 -4.90
N LYS A 292 13.80 -3.91 -5.70
CA LYS A 292 13.81 -3.51 -7.10
C LYS A 292 12.47 -3.89 -7.72
N LYS A 293 11.59 -2.91 -7.90
CA LYS A 293 10.32 -3.13 -8.56
C LYS A 293 10.55 -3.05 -10.07
N VAL A 294 11.16 -4.11 -10.58
CA VAL A 294 11.35 -4.26 -12.02
C VAL A 294 10.53 -5.46 -12.47
N ILE A 295 9.22 -5.27 -12.59
CA ILE A 295 8.33 -6.34 -12.99
C ILE A 295 8.36 -6.45 -14.50
N HIS A 296 8.93 -7.54 -15.01
CA HIS A 296 8.95 -7.80 -16.45
C HIS A 296 7.51 -8.09 -16.89
N GLY A 297 6.74 -7.02 -17.02
CA GLY A 297 5.33 -7.13 -17.33
C GLY A 297 4.79 -5.89 -18.00
N CYS A 298 3.47 -5.80 -18.04
CA CYS A 298 2.76 -4.75 -18.76
C CYS A 298 1.80 -4.04 -17.82
N ASN A 299 1.82 -2.72 -17.83
CA ASN A 299 0.96 -1.89 -16.98
C ASN A 299 -0.03 -1.15 -17.89
N PHE A 300 -1.25 -1.69 -17.99
CA PHE A 300 -2.32 -1.05 -18.74
C PHE A 300 -3.09 -0.05 -17.88
N SER A 301 -2.57 0.31 -16.71
CA SER A 301 -3.30 1.15 -15.77
C SER A 301 -3.29 2.61 -16.19
N SER A 302 -4.40 3.30 -15.93
CA SER A 302 -4.55 4.72 -16.22
C SER A 302 -4.09 5.59 -15.06
N ASN A 303 -3.00 5.21 -14.38
CA ASN A 303 -2.50 5.93 -13.23
C ASN A 303 -0.98 6.01 -13.30
N VAL A 304 -0.44 7.12 -12.81
CA VAL A 304 0.99 7.36 -12.82
C VAL A 304 1.62 7.00 -11.48
N SER A 305 0.97 7.35 -10.37
CA SER A 305 1.52 7.12 -9.03
C SER A 305 1.25 5.67 -8.64
N SER A 306 2.14 4.80 -9.10
CA SER A 306 2.04 3.38 -8.81
C SER A 306 3.19 2.96 -7.91
N LYS A 307 2.89 2.14 -6.92
CA LYS A 307 3.92 1.54 -6.09
C LYS A 307 4.68 0.42 -6.80
N HIS A 308 4.37 0.15 -8.06
CA HIS A 308 4.99 -0.95 -8.79
C HIS A 308 5.41 -0.47 -10.17
N THR A 309 6.65 -0.73 -10.54
CA THR A 309 7.20 -0.27 -11.82
C THR A 309 7.29 -1.46 -12.77
N PHE A 310 6.48 -1.44 -13.82
CA PHE A 310 6.53 -2.47 -14.85
C PHE A 310 7.47 -2.04 -15.96
N THR A 311 8.10 -3.02 -16.60
CA THR A 311 9.00 -2.74 -17.70
C THR A 311 8.28 -2.26 -18.95
N ASP A 312 6.95 -2.36 -18.99
CA ASP A 312 6.17 -1.93 -20.13
C ASP A 312 4.87 -1.32 -19.63
N SER A 313 4.48 -0.17 -20.16
CA SER A 313 3.27 0.51 -19.73
C SER A 313 2.46 0.94 -20.95
N LEU A 314 1.22 1.37 -20.66
CA LEU A 314 0.25 1.77 -21.66
C LEU A 314 -1.04 2.12 -20.93
N ASP A 315 -1.94 2.83 -21.63
CA ASP A 315 -3.31 3.03 -21.18
C ASP A 315 -4.25 2.26 -22.09
N ILE A 316 -5.26 1.62 -21.49
CA ILE A 316 -6.25 0.84 -22.21
C ILE A 316 -7.56 1.59 -22.39
N SER A 317 -7.69 2.77 -21.80
CA SER A 317 -8.93 3.54 -21.84
C SER A 317 -9.18 4.23 -23.18
N LEU A 318 -8.29 4.07 -24.16
CA LEU A 318 -8.32 4.87 -25.38
C LEU A 318 -8.53 4.09 -26.67
N VAL A 319 -8.26 2.78 -26.67
CA VAL A 319 -8.21 1.98 -27.90
C VAL A 319 -9.58 1.88 -28.56
N ASP A 320 -9.60 1.38 -29.80
CA ASP A 320 -10.87 1.03 -30.43
C ASP A 320 -11.56 -0.06 -29.63
N ASP A 321 -12.89 -0.13 -29.78
CA ASP A 321 -13.62 -1.25 -29.19
C ASP A 321 -13.20 -2.58 -29.79
N SER A 322 -12.78 -2.58 -31.06
CA SER A 322 -12.33 -3.77 -31.76
C SER A 322 -10.85 -3.67 -32.14
N ALA A 323 -10.02 -3.19 -31.21
CA ALA A 323 -8.57 -3.11 -31.41
C ALA A 323 -7.89 -4.02 -30.39
N HIS A 324 -7.31 -5.12 -30.87
CA HIS A 324 -6.59 -6.05 -30.01
C HIS A 324 -5.18 -5.52 -29.75
N ILE A 325 -4.78 -5.48 -28.48
CA ILE A 325 -3.55 -4.81 -28.03
C ILE A 325 -2.61 -5.88 -27.48
N SER A 326 -1.36 -5.88 -27.96
CA SER A 326 -0.47 -7.04 -27.79
C SER A 326 0.82 -6.60 -27.10
N CYS A 327 0.98 -6.99 -25.82
CA CYS A 327 2.19 -6.70 -25.04
C CYS A 327 2.88 -8.04 -24.73
N ASN A 328 3.98 -8.33 -25.42
CA ASN A 328 4.54 -9.69 -25.48
C ASN A 328 5.97 -9.77 -24.93
N VAL A 329 6.11 -10.00 -23.62
CA VAL A 329 7.43 -10.10 -23.01
C VAL A 329 8.11 -11.39 -23.43
N HIS A 330 9.39 -11.31 -23.75
CA HIS A 330 10.22 -12.47 -24.10
C HIS A 330 11.47 -12.48 -23.24
N LEU A 331 11.71 -13.60 -22.56
CA LEU A 331 12.83 -13.75 -21.64
C LEU A 331 13.67 -14.96 -22.03
N SER A 332 14.99 -14.78 -22.09
CA SER A 332 15.90 -15.84 -22.55
C SER A 332 17.24 -15.70 -21.81
N GLU A 333 17.39 -16.45 -20.72
CA GLU A 333 18.59 -16.45 -19.90
C GLU A 333 18.77 -17.85 -19.30
N PRO A 334 19.99 -18.18 -18.84
CA PRO A 334 20.21 -19.47 -18.15
C PRO A 334 19.49 -19.56 -16.81
N LYS A 335 19.77 -18.61 -15.91
CA LYS A 335 19.09 -18.51 -14.63
C LYS A 335 18.04 -17.40 -14.68
N TYR A 336 17.09 -17.48 -13.74
CA TYR A 336 15.94 -16.56 -13.73
C TYR A 336 15.72 -16.04 -12.32
N ASN A 337 15.75 -14.72 -12.17
CA ASN A 337 15.35 -14.02 -10.95
C ASN A 337 14.37 -12.92 -11.30
N HIS A 338 13.36 -13.28 -12.09
CA HIS A 338 12.46 -12.30 -12.69
C HIS A 338 11.11 -12.28 -11.98
N LEU A 339 10.46 -11.12 -12.02
CA LEU A 339 9.11 -10.94 -11.52
C LEU A 339 8.21 -10.59 -12.70
N VAL A 340 7.19 -11.41 -12.93
CA VAL A 340 6.33 -11.28 -14.11
C VAL A 340 4.90 -11.05 -13.65
N GLY A 341 4.28 -10.00 -14.15
CA GLY A 341 2.91 -9.71 -13.80
C GLY A 341 2.33 -8.61 -14.65
N LEU A 342 1.20 -8.08 -14.20
CA LEU A 342 0.53 -7.00 -14.92
C LEU A 342 -0.38 -6.24 -13.96
N ASN A 343 -0.61 -4.97 -14.28
CA ASN A 343 -1.57 -4.14 -13.56
C ASN A 343 -2.69 -3.79 -14.54
N CYS A 344 -3.81 -4.50 -14.45
CA CYS A 344 -4.94 -4.30 -15.33
C CYS A 344 -6.00 -3.48 -14.62
N PRO A 345 -6.41 -2.33 -15.16
CA PRO A 345 -7.49 -1.57 -14.51
C PRO A 345 -8.83 -2.26 -14.60
N GLY A 346 -9.07 -3.04 -15.64
CA GLY A 346 -10.30 -3.80 -15.79
C GLY A 346 -10.20 -5.16 -15.15
N ASP A 347 -11.04 -6.08 -15.63
CA ASP A 347 -11.03 -7.44 -15.12
C ASP A 347 -9.96 -8.27 -15.82
N ILE A 348 -9.52 -9.32 -15.13
CA ILE A 348 -8.43 -10.18 -15.59
C ILE A 348 -9.00 -11.55 -15.92
N ILE A 349 -8.72 -12.03 -17.13
CA ILE A 349 -9.22 -13.33 -17.59
C ILE A 349 -8.06 -14.12 -18.18
N PRO A 350 -7.83 -15.37 -17.77
CA PRO A 350 -8.55 -16.06 -16.69
C PRO A 350 -8.06 -15.62 -15.32
N ASP A 351 -8.23 -16.46 -14.30
CA ASP A 351 -7.77 -16.12 -12.95
C ASP A 351 -6.25 -16.24 -12.92
N CYS A 352 -5.60 -15.22 -13.48
CA CYS A 352 -4.14 -15.14 -13.50
C CYS A 352 -3.62 -14.80 -12.09
N PHE A 353 -2.39 -15.23 -11.80
CA PHE A 353 -1.51 -15.90 -12.76
C PHE A 353 -1.50 -17.42 -12.61
N PHE A 354 -2.41 -17.95 -11.80
CA PHE A 354 -2.52 -19.40 -11.70
C PHE A 354 -2.99 -20.02 -13.00
N GLN A 355 -4.00 -19.42 -13.63
CA GLN A 355 -4.57 -19.90 -14.89
C GLN A 355 -4.18 -18.95 -16.02
N VAL A 356 -3.92 -19.51 -17.19
CA VAL A 356 -3.50 -18.74 -18.36
C VAL A 356 -4.01 -19.43 -19.61
N TYR A 357 -4.21 -18.63 -20.67
CA TYR A 357 -4.53 -19.20 -21.97
C TYR A 357 -3.29 -19.83 -22.59
N GLN A 358 -3.51 -20.82 -23.46
CA GLN A 358 -2.39 -21.62 -23.97
C GLN A 358 -1.52 -20.84 -24.96
N PRO A 359 -2.06 -20.17 -25.99
CA PRO A 359 -3.44 -19.99 -26.44
C PRO A 359 -3.92 -21.13 -27.33
N SER A 367 -11.52 -20.65 -24.77
CA SER A 367 -11.53 -21.46 -23.55
C SER A 367 -10.42 -22.50 -23.57
N ASN A 368 -9.18 -22.05 -23.38
CA ASN A 368 -8.03 -22.94 -23.32
C ASN A 368 -7.30 -22.74 -22.00
N ILE A 369 -8.04 -22.80 -20.90
CA ILE A 369 -7.53 -22.40 -19.59
C ILE A 369 -6.65 -23.52 -19.03
N VAL A 370 -5.34 -23.30 -19.03
CA VAL A 370 -4.38 -24.27 -18.50
C VAL A 370 -3.86 -23.74 -17.16
N TYR A 371 -3.19 -24.62 -16.42
CA TYR A 371 -2.61 -24.27 -15.13
C TYR A 371 -1.12 -23.96 -15.30
N LEU A 372 -0.67 -22.91 -14.61
CA LEU A 372 0.67 -22.37 -14.86
C LEU A 372 1.76 -23.30 -14.34
N ASP A 373 1.63 -23.75 -13.09
CA ASP A 373 2.68 -24.57 -12.48
C ASP A 373 2.98 -25.81 -13.31
N SER A 374 1.96 -26.41 -13.91
CA SER A 374 2.17 -27.56 -14.79
C SER A 374 2.77 -27.16 -16.13
N GLN A 375 2.35 -26.01 -16.65
CA GLN A 375 2.86 -25.55 -17.95
C GLN A 375 4.35 -25.21 -17.87
N ILE A 376 4.77 -24.56 -16.78
CA ILE A 376 6.19 -24.29 -16.59
C ILE A 376 6.92 -25.54 -16.11
N ASN A 377 6.24 -26.37 -15.31
CA ASN A 377 6.83 -27.57 -14.70
C ASN A 377 7.97 -27.21 -13.76
N ILE A 378 7.67 -26.31 -12.81
CA ILE A 378 8.58 -25.95 -11.73
C ILE A 378 7.78 -25.90 -10.44
N GLY A 379 8.28 -26.55 -9.40
CA GLY A 379 7.57 -26.64 -8.15
C GLY A 379 7.43 -25.33 -7.41
N ASP A 380 8.55 -24.69 -7.09
CA ASP A 380 8.56 -23.48 -6.26
C ASP A 380 8.39 -22.25 -7.14
N ILE A 381 7.14 -21.92 -7.42
CA ILE A 381 6.77 -20.68 -8.09
C ILE A 381 5.87 -19.89 -7.14
N GLU A 382 6.35 -18.74 -6.68
CA GLU A 382 5.59 -17.93 -5.76
C GLU A 382 4.57 -17.08 -6.51
N TYR A 383 3.45 -16.78 -5.85
CA TYR A 383 2.37 -16.01 -6.43
C TYR A 383 2.00 -14.86 -5.51
N TYR A 384 1.83 -13.66 -6.08
CA TYR A 384 1.49 -12.49 -5.31
C TYR A 384 0.46 -11.66 -6.07
N GLU A 385 -0.39 -10.95 -5.32
CA GLU A 385 -1.45 -10.14 -5.90
C GLU A 385 -1.57 -8.85 -5.11
N ASP A 386 -2.12 -7.82 -5.77
CA ASP A 386 -2.25 -6.51 -5.16
C ASP A 386 -3.37 -5.76 -5.86
N ALA A 387 -3.89 -4.74 -5.18
CA ALA A 387 -4.98 -3.93 -5.70
C ALA A 387 -4.75 -2.47 -5.30
N GLU A 388 -4.34 -1.65 -6.26
CA GLU A 388 -4.17 -0.21 -6.03
C GLU A 388 -5.53 0.47 -6.21
N GLY A 389 -6.35 0.40 -5.17
CA GLY A 389 -7.69 0.94 -5.22
C GLY A 389 -8.59 0.14 -6.14
N ASP A 390 -8.71 0.56 -7.39
CA ASP A 390 -9.45 -0.20 -8.39
C ASP A 390 -8.55 -0.89 -9.41
N ASP A 391 -7.29 -0.48 -9.53
CA ASP A 391 -6.33 -1.22 -10.32
C ASP A 391 -6.17 -2.64 -9.77
N LYS A 392 -5.83 -3.57 -10.65
CA LYS A 392 -5.68 -4.98 -10.29
C LYS A 392 -4.29 -5.45 -10.67
N ILE A 393 -3.51 -5.88 -9.68
CA ILE A 393 -2.15 -6.34 -9.88
C ILE A 393 -2.12 -7.85 -9.62
N LYS A 394 -1.56 -8.59 -10.56
CA LYS A 394 -1.41 -10.04 -10.46
C LYS A 394 -0.04 -10.40 -11.01
N LEU A 395 0.76 -11.12 -10.23
CA LEU A 395 2.13 -11.43 -10.64
C LEU A 395 2.61 -12.70 -9.97
N PHE A 396 3.72 -13.22 -10.48
CA PHE A 396 4.38 -14.40 -9.92
C PHE A 396 5.88 -14.22 -10.01
N GLY A 397 6.61 -15.10 -9.32
CA GLY A 397 8.05 -15.01 -9.28
C GLY A 397 8.75 -16.30 -9.66
N ILE A 398 9.42 -16.32 -10.81
CA ILE A 398 10.15 -17.50 -11.29
C ILE A 398 11.59 -17.39 -10.84
N VAL A 399 12.08 -18.42 -10.14
CA VAL A 399 13.47 -18.46 -9.69
C VAL A 399 14.10 -19.80 -10.03
N GLY A 400 14.97 -19.83 -11.02
CA GLY A 400 15.70 -21.03 -11.36
C GLY A 400 15.66 -21.33 -12.85
N SER A 401 16.15 -22.52 -13.21
CA SER A 401 16.13 -22.98 -14.58
C SER A 401 14.70 -23.31 -15.02
N ILE A 402 14.53 -23.57 -16.32
CA ILE A 402 13.21 -23.84 -16.89
C ILE A 402 13.31 -24.92 -17.96
N PRO A 403 12.45 -25.94 -17.93
CA PRO A 403 12.69 -27.13 -18.74
C PRO A 403 12.18 -27.03 -20.17
N LYS A 404 11.11 -26.28 -20.41
CA LYS A 404 10.53 -26.20 -21.75
C LYS A 404 10.20 -24.76 -22.10
N THR A 405 10.37 -24.42 -23.38
CA THR A 405 10.03 -23.09 -23.87
C THR A 405 8.51 -22.93 -23.79
N THR A 406 8.05 -22.27 -22.73
CA THR A 406 6.63 -22.14 -22.43
C THR A 406 6.13 -20.77 -22.88
N SER A 407 4.90 -20.74 -23.41
CA SER A 407 4.26 -19.50 -23.80
C SER A 407 2.82 -19.50 -23.31
N PHE A 408 2.41 -18.42 -22.64
CA PHE A 408 1.04 -18.29 -22.15
C PHE A 408 0.58 -16.86 -22.30
N THR A 409 -0.74 -16.67 -22.21
CA THR A 409 -1.37 -15.39 -22.54
C THR A 409 -2.50 -15.10 -21.57
N CYS A 410 -2.45 -13.93 -20.92
CA CYS A 410 -3.53 -13.44 -20.07
C CYS A 410 -4.20 -12.25 -20.74
N ILE A 411 -5.38 -11.90 -20.22
CA ILE A 411 -6.26 -10.92 -20.88
C ILE A 411 -6.70 -9.86 -19.88
N CYS A 412 -6.71 -8.60 -20.33
CA CYS A 412 -7.21 -7.47 -19.57
C CYS A 412 -8.39 -6.89 -20.33
N LYS A 413 -9.55 -6.82 -19.68
CA LYS A 413 -10.79 -6.40 -20.33
C LYS A 413 -11.41 -5.23 -19.58
N LYS A 414 -11.41 -4.05 -20.21
CA LYS A 414 -12.09 -2.87 -19.71
C LYS A 414 -13.23 -2.54 -20.68
N ASP A 415 -14.46 -2.82 -20.24
CA ASP A 415 -15.66 -2.64 -21.07
C ASP A 415 -15.49 -3.48 -22.34
N LYS A 416 -15.84 -2.96 -23.52
CA LYS A 416 -15.69 -3.71 -24.77
C LYS A 416 -14.25 -3.82 -25.22
N LYS A 417 -13.35 -2.98 -24.70
CA LYS A 417 -11.96 -2.98 -25.13
C LYS A 417 -11.22 -4.18 -24.54
N SER A 418 -10.08 -4.51 -25.14
CA SER A 418 -9.32 -5.70 -24.78
C SER A 418 -7.83 -5.41 -24.85
N ALA A 419 -7.05 -6.24 -24.17
CA ALA A 419 -5.59 -6.08 -24.15
C ALA A 419 -4.97 -7.46 -23.90
N TYR A 420 -4.25 -7.97 -24.88
CA TYR A 420 -3.59 -9.26 -24.77
C TYR A 420 -2.16 -9.09 -24.27
N MET A 421 -1.67 -10.11 -23.56
CA MET A 421 -0.31 -10.13 -23.05
C MET A 421 0.27 -11.53 -23.19
N THR A 422 1.47 -11.63 -23.76
CA THR A 422 2.10 -12.91 -24.07
C THR A 422 3.46 -12.99 -23.39
N VAL A 423 3.57 -13.87 -22.39
CA VAL A 423 4.85 -14.18 -21.77
C VAL A 423 5.47 -15.35 -22.52
N THR A 424 6.77 -15.23 -22.83
CA THR A 424 7.49 -16.25 -23.60
C THR A 424 8.81 -16.51 -22.88
N ILE A 425 8.80 -17.51 -21.99
CA ILE A 425 9.99 -17.87 -21.23
C ILE A 425 10.75 -18.95 -21.99
N ASP A 426 11.96 -18.62 -22.43
CA ASP A 426 12.77 -19.52 -23.24
C ASP A 426 13.57 -20.47 -22.35
N SER A 427 13.95 -21.61 -22.94
CA SER A 427 14.70 -22.65 -22.24
C SER A 427 16.02 -22.88 -22.97
N ALA A 428 17.12 -22.65 -22.27
CA ALA A 428 18.44 -22.84 -22.85
C ALA A 428 19.43 -23.36 -21.81
N VAL B 2 -24.59 -29.47 -19.44
CA VAL B 2 -24.61 -28.42 -18.43
C VAL B 2 -25.90 -28.51 -17.62
N GLN B 3 -25.77 -28.34 -16.30
CA GLN B 3 -26.93 -28.39 -15.41
C GLN B 3 -26.55 -27.73 -14.09
N LEU B 4 -27.50 -26.98 -13.53
CA LEU B 4 -27.29 -26.25 -12.28
C LEU B 4 -28.39 -26.66 -11.29
N VAL B 5 -28.01 -27.42 -10.27
CA VAL B 5 -28.93 -27.94 -9.27
C VAL B 5 -28.96 -27.00 -8.08
N GLU B 6 -30.11 -26.38 -7.84
CA GLU B 6 -30.27 -25.44 -6.74
C GLU B 6 -30.87 -26.12 -5.52
N SER B 7 -30.46 -25.67 -4.33
CA SER B 7 -30.87 -26.29 -3.09
C SER B 7 -31.10 -25.21 -2.03
N GLY B 8 -31.78 -25.60 -0.96
CA GLY B 8 -32.04 -24.70 0.13
C GLY B 8 -33.40 -24.04 0.02
N GLY B 9 -33.53 -22.91 0.72
CA GLY B 9 -34.74 -22.11 0.65
C GLY B 9 -35.85 -22.53 1.58
N GLY B 10 -36.59 -21.56 2.10
CA GLY B 10 -37.70 -21.85 2.99
C GLY B 10 -38.18 -20.59 3.67
N LEU B 11 -38.84 -20.79 4.82
CA LEU B 11 -39.32 -19.68 5.63
C LEU B 11 -38.23 -19.29 6.64
N LEU B 12 -37.94 -17.99 6.71
CA LEU B 12 -36.96 -17.47 7.66
C LEU B 12 -37.43 -16.12 8.18
N GLN B 13 -37.10 -15.85 9.43
CA GLN B 13 -37.45 -14.63 10.11
C GLN B 13 -36.23 -13.70 10.17
N PRO B 14 -36.44 -12.40 10.35
CA PRO B 14 -35.33 -11.45 10.26
C PRO B 14 -34.17 -11.81 11.18
N GLY B 15 -32.95 -11.63 10.66
CA GLY B 15 -31.74 -11.94 11.40
C GLY B 15 -31.19 -13.33 11.17
N ARG B 16 -32.02 -14.27 10.72
CA ARG B 16 -31.53 -15.63 10.49
C ARG B 16 -30.61 -15.67 9.28
N SER B 17 -29.92 -16.80 9.12
CA SER B 17 -28.92 -16.98 8.08
C SER B 17 -29.12 -18.32 7.40
N LEU B 18 -29.04 -18.32 6.08
CA LEU B 18 -29.20 -19.53 5.26
C LEU B 18 -28.12 -19.57 4.21
N LYS B 19 -27.72 -20.78 3.82
CA LYS B 19 -26.70 -20.99 2.81
C LYS B 19 -27.33 -21.74 1.64
N LEU B 20 -27.39 -21.09 0.48
CA LEU B 20 -27.96 -21.68 -0.72
C LEU B 20 -26.87 -22.35 -1.54
N SER B 21 -27.13 -23.59 -1.97
CA SER B 21 -26.17 -24.39 -2.72
C SER B 21 -26.58 -24.49 -4.18
N CYS B 22 -25.58 -24.65 -5.05
CA CYS B 22 -25.82 -24.70 -6.50
C CYS B 22 -24.82 -25.69 -7.09
N VAL B 23 -25.26 -26.93 -7.30
CA VAL B 23 -24.39 -27.97 -7.82
C VAL B 23 -24.23 -27.80 -9.32
N ALA B 24 -22.99 -27.97 -9.80
CA ALA B 24 -22.67 -27.84 -11.22
C ALA B 24 -22.66 -29.22 -11.89
N SER B 25 -22.70 -29.19 -13.22
CA SER B 25 -22.75 -30.43 -14.00
C SER B 25 -22.21 -30.18 -15.40
N GLY B 26 -21.40 -31.12 -15.88
CA GLY B 26 -21.00 -31.14 -17.28
C GLY B 26 -19.73 -30.37 -17.62
N PHE B 27 -19.78 -29.05 -17.48
CA PHE B 27 -18.70 -28.19 -17.92
C PHE B 27 -17.51 -28.28 -16.97
N THR B 28 -16.38 -27.76 -17.42
CA THR B 28 -15.19 -27.62 -16.57
C THR B 28 -15.44 -26.49 -15.58
N PHE B 29 -15.56 -26.82 -14.29
CA PHE B 29 -16.05 -25.87 -13.32
C PHE B 29 -15.09 -24.70 -13.12
N ASN B 30 -13.78 -24.98 -13.01
CA ASN B 30 -12.80 -23.94 -12.74
C ASN B 30 -12.48 -23.08 -13.96
N ASN B 31 -13.29 -23.13 -15.02
CA ASN B 31 -13.03 -22.37 -16.24
C ASN B 31 -14.15 -21.39 -16.59
N TYR B 32 -15.10 -21.18 -15.68
CA TYR B 32 -16.24 -20.30 -15.97
C TYR B 32 -16.62 -19.50 -14.73
N TRP B 33 -16.87 -18.21 -14.94
CA TRP B 33 -17.36 -17.37 -13.85
C TRP B 33 -18.77 -17.80 -13.43
N MET B 34 -19.09 -17.52 -12.16
CA MET B 34 -20.40 -17.84 -11.61
C MET B 34 -21.03 -16.58 -11.02
N SER B 35 -22.35 -16.59 -10.89
CA SER B 35 -23.07 -15.43 -10.38
C SER B 35 -24.36 -15.89 -9.71
N TRP B 36 -24.93 -14.99 -8.90
CA TRP B 36 -26.21 -15.20 -8.24
C TRP B 36 -27.13 -14.04 -8.57
N ILE B 37 -28.28 -14.33 -9.16
CA ILE B 37 -29.26 -13.32 -9.55
C ILE B 37 -30.59 -13.67 -8.90
N ARG B 38 -31.27 -12.66 -8.37
CA ARG B 38 -32.54 -12.84 -7.67
C ARG B 38 -33.60 -11.93 -8.27
N GLN B 39 -34.86 -12.26 -7.98
CA GLN B 39 -35.99 -11.46 -8.42
C GLN B 39 -37.04 -11.45 -7.33
N ALA B 40 -37.38 -10.25 -6.85
CA ALA B 40 -38.46 -10.08 -5.90
C ALA B 40 -39.82 -10.04 -6.63
N PRO B 41 -40.89 -10.48 -5.97
CA PRO B 41 -42.20 -10.54 -6.65
C PRO B 41 -42.63 -9.18 -7.20
N GLY B 42 -42.83 -9.14 -8.51
CA GLY B 42 -43.23 -7.91 -9.17
C GLY B 42 -42.13 -6.88 -9.32
N LYS B 43 -40.87 -7.29 -9.33
CA LYS B 43 -39.76 -6.38 -9.47
C LYS B 43 -38.75 -6.96 -10.45
N GLY B 44 -37.89 -6.09 -10.98
CA GLY B 44 -36.93 -6.49 -11.99
C GLY B 44 -35.84 -7.40 -11.46
N LEU B 45 -34.99 -7.85 -12.37
CA LEU B 45 -33.87 -8.70 -12.00
C LEU B 45 -32.80 -7.89 -11.30
N GLU B 46 -32.24 -8.47 -10.22
CA GLU B 46 -31.22 -7.81 -9.41
C GLU B 46 -30.02 -8.73 -9.27
N TRP B 47 -28.84 -8.20 -9.56
CA TRP B 47 -27.60 -8.95 -9.36
C TRP B 47 -27.20 -8.91 -7.89
N ILE B 48 -26.67 -10.03 -7.40
CA ILE B 48 -26.40 -10.22 -5.98
C ILE B 48 -24.93 -10.52 -5.70
N ALA B 49 -24.30 -11.35 -6.54
CA ALA B 49 -22.91 -11.70 -6.30
C ALA B 49 -22.34 -12.34 -7.57
N SER B 50 -21.03 -12.20 -7.74
CA SER B 50 -20.30 -12.81 -8.84
C SER B 50 -18.94 -13.27 -8.35
N ILE B 51 -18.49 -14.42 -8.85
CA ILE B 51 -17.20 -14.97 -8.49
C ILE B 51 -16.44 -15.29 -9.77
N SER B 52 -15.11 -15.31 -9.66
CA SER B 52 -14.24 -15.57 -10.80
C SER B 52 -14.07 -17.07 -11.00
N ASN B 53 -13.06 -17.46 -11.78
CA ASN B 53 -12.84 -18.87 -12.07
C ASN B 53 -12.40 -19.63 -10.83
N ILE B 54 -11.38 -19.12 -10.14
CA ILE B 54 -10.88 -19.73 -8.93
C ILE B 54 -11.29 -18.96 -7.68
N GLY B 55 -11.28 -17.63 -7.76
CA GLY B 55 -11.56 -16.80 -6.60
C GLY B 55 -10.53 -15.72 -6.42
N GLY B 56 -10.10 -15.11 -7.52
CA GLY B 56 -9.16 -14.02 -7.48
C GLY B 56 -9.85 -12.67 -7.45
N THR B 57 -11.04 -12.63 -8.05
CA THR B 57 -11.87 -11.42 -8.09
C THR B 57 -13.29 -11.77 -7.70
N ILE B 58 -13.86 -10.98 -6.78
CA ILE B 58 -15.22 -11.18 -6.31
C ILE B 58 -15.86 -9.80 -6.13
N TYR B 59 -17.06 -9.63 -6.69
CA TYR B 59 -17.80 -8.38 -6.55
C TYR B 59 -19.17 -8.66 -5.93
N TYR B 60 -19.65 -7.69 -5.15
CA TYR B 60 -21.01 -7.64 -4.66
C TYR B 60 -21.56 -6.23 -4.86
N PRO B 61 -22.86 -6.08 -5.08
CA PRO B 61 -23.47 -4.76 -5.01
C PRO B 61 -23.52 -4.28 -3.56
N ASP B 62 -23.54 -2.96 -3.40
CA ASP B 62 -23.49 -2.37 -2.06
C ASP B 62 -24.70 -2.74 -1.21
N SER B 63 -25.79 -3.19 -1.85
CA SER B 63 -26.99 -3.53 -1.09
C SER B 63 -26.76 -4.68 -0.13
N VAL B 64 -25.91 -5.63 -0.49
CA VAL B 64 -25.69 -6.83 0.32
C VAL B 64 -24.26 -6.86 0.84
N LYS B 65 -23.66 -5.69 1.01
CA LYS B 65 -22.27 -5.60 1.44
C LYS B 65 -22.10 -6.20 2.82
N GLY B 66 -21.30 -7.26 2.90
CA GLY B 66 -21.06 -7.95 4.16
C GLY B 66 -22.17 -8.94 4.50
N ARG B 67 -23.41 -8.54 4.24
CA ARG B 67 -24.55 -9.40 4.53
C ARG B 67 -24.47 -10.73 3.79
N PHE B 68 -23.91 -10.71 2.58
CA PHE B 68 -23.81 -11.89 1.74
C PHE B 68 -22.33 -12.25 1.55
N THR B 69 -22.09 -13.51 1.22
CA THR B 69 -20.72 -14.01 1.06
C THR B 69 -20.76 -15.17 0.06
N ILE B 70 -20.27 -14.92 -1.15
CA ILE B 70 -20.26 -15.95 -2.19
C ILE B 70 -19.13 -16.94 -1.93
N SER B 71 -19.29 -18.15 -2.45
CA SER B 71 -18.30 -19.21 -2.26
C SER B 71 -18.45 -20.23 -3.39
N ARG B 72 -17.37 -20.97 -3.64
CA ARG B 72 -17.38 -22.00 -4.65
C ARG B 72 -16.29 -23.02 -4.33
N ASP B 73 -16.60 -24.29 -4.54
CA ASP B 73 -15.71 -25.40 -4.24
C ASP B 73 -15.43 -26.19 -5.51
N SER B 74 -14.15 -26.34 -5.84
CA SER B 74 -13.79 -27.05 -7.07
C SER B 74 -13.99 -28.56 -6.92
N ALA B 75 -13.64 -29.11 -5.75
CA ALA B 75 -13.65 -30.56 -5.59
C ALA B 75 -15.05 -31.14 -5.69
N GLN B 76 -16.05 -30.42 -5.21
CA GLN B 76 -17.43 -30.91 -5.23
C GLN B 76 -18.31 -30.17 -6.23
N ASN B 77 -17.78 -29.19 -6.96
CA ASN B 77 -18.49 -28.53 -8.06
C ASN B 77 -19.81 -27.91 -7.58
N THR B 78 -19.72 -27.06 -6.56
CA THR B 78 -20.90 -26.44 -5.98
C THR B 78 -20.65 -24.97 -5.74
N LEU B 79 -21.73 -24.20 -5.76
CA LEU B 79 -21.71 -22.76 -5.50
C LEU B 79 -22.48 -22.47 -4.22
N TYR B 80 -22.06 -21.43 -3.51
CA TYR B 80 -22.66 -21.10 -2.22
C TYR B 80 -22.90 -19.61 -2.12
N LEU B 81 -23.83 -19.24 -1.24
CA LEU B 81 -24.17 -17.84 -1.01
C LEU B 81 -24.64 -17.72 0.44
N GLN B 82 -23.67 -17.50 1.34
CA GLN B 82 -23.95 -17.37 2.77
C GLN B 82 -24.50 -15.97 3.02
N MET B 83 -25.78 -15.89 3.38
CA MET B 83 -26.46 -14.62 3.61
C MET B 83 -26.83 -14.49 5.08
N ASN B 84 -26.49 -13.35 5.68
CA ASN B 84 -26.75 -13.08 7.09
C ASN B 84 -27.74 -11.94 7.23
N SER B 85 -28.33 -11.86 8.43
CA SER B 85 -29.15 -10.72 8.86
C SER B 85 -30.21 -10.38 7.81
N LEU B 86 -31.02 -11.37 7.46
CA LEU B 86 -31.97 -11.22 6.37
C LEU B 86 -33.05 -10.21 6.72
N ARG B 87 -33.52 -9.50 5.70
CA ARG B 87 -34.53 -8.45 5.85
C ARG B 87 -35.65 -8.69 4.86
N SER B 88 -36.75 -7.93 5.03
CA SER B 88 -37.92 -8.12 4.19
C SER B 88 -37.64 -7.85 2.72
N GLU B 89 -36.62 -7.03 2.43
CA GLU B 89 -36.27 -6.76 1.04
C GLU B 89 -35.74 -8.01 0.34
N ASP B 90 -35.09 -8.91 1.09
CA ASP B 90 -34.51 -10.13 0.52
C ASP B 90 -35.56 -11.17 0.16
N THR B 91 -36.84 -10.88 0.33
CA THR B 91 -37.92 -11.81 -0.01
C THR B 91 -37.95 -11.97 -1.53
N ALA B 92 -37.28 -13.01 -2.04
CA ALA B 92 -37.14 -13.19 -3.48
C ALA B 92 -36.74 -14.63 -3.77
N THR B 93 -36.79 -14.98 -5.05
CA THR B 93 -36.31 -16.27 -5.54
C THR B 93 -34.91 -16.07 -6.13
N TYR B 94 -33.97 -16.90 -5.69
CA TYR B 94 -32.56 -16.72 -5.99
C TYR B 94 -32.10 -17.76 -7.01
N TYR B 95 -31.39 -17.28 -8.04
CA TYR B 95 -30.90 -18.12 -9.13
C TYR B 95 -29.39 -18.05 -9.19
N CYS B 96 -28.77 -19.17 -9.55
CA CYS B 96 -27.34 -19.21 -9.85
C CYS B 96 -27.15 -19.37 -11.36
N THR B 97 -26.15 -18.67 -11.91
CA THR B 97 -25.89 -18.66 -13.34
C THR B 97 -24.42 -18.91 -13.60
N ARG B 98 -24.15 -19.48 -14.77
CA ARG B 98 -22.79 -19.53 -15.33
C ARG B 98 -22.66 -18.38 -16.32
N ASP B 99 -21.58 -17.60 -16.18
CA ASP B 99 -21.37 -16.44 -17.03
C ASP B 99 -20.07 -16.58 -17.81
N LEU B 100 -20.05 -15.97 -18.98
CA LEU B 100 -18.83 -15.75 -19.75
C LEU B 100 -18.39 -14.31 -19.49
N ARG B 101 -17.25 -14.14 -18.81
CA ARG B 101 -16.78 -12.79 -18.53
C ARG B 101 -16.38 -12.03 -19.79
N MET B 102 -16.07 -12.75 -20.88
CA MET B 102 -15.73 -12.06 -22.12
C MET B 102 -16.95 -11.48 -22.80
N SER B 103 -18.07 -12.19 -22.76
CA SER B 103 -19.30 -11.73 -23.39
C SER B 103 -20.26 -11.07 -22.42
N ASP B 104 -19.88 -10.98 -21.14
CA ASP B 104 -20.66 -10.28 -20.11
C ASP B 104 -22.12 -10.73 -20.10
N TYR B 105 -22.33 -12.04 -20.12
CA TYR B 105 -23.68 -12.56 -20.18
C TYR B 105 -23.73 -13.94 -19.54
N PHE B 106 -24.96 -14.40 -19.26
CA PHE B 106 -25.21 -15.67 -18.61
C PHE B 106 -25.76 -16.63 -19.65
N ASP B 107 -25.01 -17.69 -19.94
CA ASP B 107 -25.47 -18.68 -20.91
C ASP B 107 -26.47 -19.65 -20.28
N TYR B 108 -26.10 -20.28 -19.17
CA TYR B 108 -26.94 -21.26 -18.50
C TYR B 108 -27.39 -20.75 -17.13
N TRP B 109 -28.59 -21.13 -16.74
CA TRP B 109 -29.21 -20.70 -15.48
C TRP B 109 -29.66 -21.92 -14.69
N GLY B 110 -30.02 -21.70 -13.43
CA GLY B 110 -30.49 -22.74 -12.55
C GLY B 110 -31.98 -22.61 -12.26
N GLN B 111 -32.51 -23.65 -11.60
CA GLN B 111 -33.94 -23.70 -11.29
C GLN B 111 -34.39 -22.45 -10.55
N GLY B 112 -33.69 -22.09 -9.48
CA GLY B 112 -34.08 -20.95 -8.67
C GLY B 112 -34.98 -21.34 -7.52
N VAL B 113 -34.43 -21.39 -6.31
CA VAL B 113 -35.19 -21.73 -5.12
C VAL B 113 -35.70 -20.45 -4.47
N MET B 114 -36.88 -20.54 -3.88
CA MET B 114 -37.56 -19.39 -3.30
C MET B 114 -37.13 -19.18 -1.85
N VAL B 115 -37.07 -17.91 -1.44
CA VAL B 115 -36.68 -17.52 -0.09
C VAL B 115 -37.73 -16.57 0.45
N THR B 116 -38.31 -16.89 1.61
CA THR B 116 -39.34 -16.09 2.24
C THR B 116 -38.78 -15.48 3.52
N VAL B 117 -38.79 -14.16 3.60
CA VAL B 117 -38.28 -13.43 4.76
C VAL B 117 -39.43 -12.60 5.32
N SER B 118 -40.10 -13.15 6.34
CA SER B 118 -41.21 -12.46 6.98
C SER B 118 -41.22 -12.78 8.46
N SER B 119 -41.59 -11.80 9.28
CA SER B 119 -41.73 -11.98 10.72
C SER B 119 -43.13 -12.44 11.12
N ALA B 120 -43.87 -13.04 10.19
CA ALA B 120 -45.26 -13.39 10.44
C ALA B 120 -45.38 -14.69 11.21
N GLU B 121 -46.32 -14.72 12.15
CA GLU B 121 -46.64 -15.91 12.93
C GLU B 121 -47.90 -16.56 12.37
N THR B 122 -47.93 -17.89 12.40
CA THR B 122 -49.02 -18.66 11.80
C THR B 122 -50.30 -18.49 12.61
N THR B 123 -51.26 -17.74 12.09
CA THR B 123 -52.49 -17.43 12.80
C THR B 123 -53.70 -17.67 11.91
N ALA B 124 -54.86 -17.81 12.54
CA ALA B 124 -56.11 -18.15 11.87
C ALA B 124 -56.78 -16.91 11.32
N PRO B 125 -57.78 -17.07 10.43
CA PRO B 125 -58.43 -15.89 9.84
C PRO B 125 -59.71 -15.45 10.56
N SER B 126 -60.31 -14.37 10.06
CA SER B 126 -61.58 -13.85 10.57
C SER B 126 -62.50 -13.64 9.38
N VAL B 127 -63.65 -14.31 9.39
CA VAL B 127 -64.56 -14.33 8.26
C VAL B 127 -65.55 -13.18 8.37
N TYR B 128 -65.95 -12.64 7.21
CA TYR B 128 -66.93 -11.57 7.13
C TYR B 128 -67.89 -11.81 5.97
N PRO B 129 -69.18 -11.98 6.23
CA PRO B 129 -70.14 -12.14 5.13
C PRO B 129 -70.47 -10.81 4.46
N LEU B 130 -70.62 -10.86 3.14
CA LEU B 130 -70.87 -9.67 2.34
C LEU B 130 -72.11 -9.87 1.47
N ALA B 131 -72.81 -8.79 1.20
CA ALA B 131 -74.01 -8.82 0.37
C ALA B 131 -74.11 -7.59 -0.50
N THR B 143 -75.03 -10.93 -5.99
CA THR B 143 -73.91 -11.82 -5.71
C THR B 143 -73.47 -11.68 -4.25
N LEU B 144 -73.21 -12.81 -3.61
CA LEU B 144 -72.75 -12.87 -2.23
C LEU B 144 -71.31 -13.37 -2.18
N GLY B 145 -70.51 -12.78 -1.31
CA GLY B 145 -69.13 -13.19 -1.18
C GLY B 145 -68.69 -13.16 0.27
N CYS B 146 -67.75 -14.05 0.59
CA CYS B 146 -67.16 -14.03 1.93
C CYS B 146 -65.93 -13.13 1.94
N LEU B 147 -65.36 -12.95 3.13
CA LEU B 147 -64.18 -12.13 3.30
C LEU B 147 -63.25 -12.81 4.31
N VAL B 148 -62.07 -13.22 3.85
CA VAL B 148 -61.07 -13.85 4.68
C VAL B 148 -59.99 -12.82 4.94
N LYS B 149 -60.06 -12.16 6.09
CA LYS B 149 -59.17 -11.05 6.42
C LYS B 149 -58.09 -11.51 7.40
N GLY B 150 -56.84 -11.26 7.07
CA GLY B 150 -55.72 -11.53 7.95
C GLY B 150 -55.50 -12.99 8.26
N TYR B 151 -54.94 -13.75 7.32
CA TYR B 151 -54.60 -15.14 7.54
C TYR B 151 -53.18 -15.42 7.07
N PHE B 152 -52.53 -16.37 7.73
CA PHE B 152 -51.16 -16.77 7.46
C PHE B 152 -50.88 -18.07 8.20
N PRO B 153 -50.18 -19.04 7.59
CA PRO B 153 -49.62 -18.98 6.24
C PRO B 153 -50.60 -19.42 5.16
N GLU B 154 -50.27 -19.13 3.91
CA GLU B 154 -51.07 -19.57 2.78
C GLU B 154 -51.13 -21.11 2.74
N PRO B 155 -52.25 -21.68 2.30
CA PRO B 155 -53.52 -21.04 1.91
C PRO B 155 -54.69 -21.38 2.83
N VAL B 156 -55.88 -20.93 2.43
CA VAL B 156 -57.12 -21.12 3.18
C VAL B 156 -58.17 -21.69 2.23
N THR B 157 -59.04 -22.53 2.76
CA THR B 157 -60.12 -23.14 2.00
C THR B 157 -61.42 -22.35 2.21
N VAL B 158 -62.19 -22.21 1.14
CA VAL B 158 -63.48 -21.54 1.18
C VAL B 158 -64.48 -22.35 0.36
N THR B 159 -65.58 -22.76 0.98
CA THR B 159 -66.61 -23.53 0.30
C THR B 159 -67.97 -22.95 0.67
N TRP B 160 -68.96 -23.24 -0.17
CA TRP B 160 -70.33 -22.78 0.01
C TRP B 160 -71.22 -23.99 0.27
N ASN B 161 -71.91 -23.98 1.41
CA ASN B 161 -72.77 -25.09 1.84
C ASN B 161 -71.99 -26.40 1.90
N SER B 162 -70.72 -26.30 2.32
CA SER B 162 -69.84 -27.46 2.46
C SER B 162 -69.70 -28.23 1.15
N GLY B 163 -69.62 -27.50 0.04
CA GLY B 163 -69.44 -28.11 -1.25
C GLY B 163 -70.71 -28.43 -2.00
N ALA B 164 -71.83 -27.81 -1.64
CA ALA B 164 -73.09 -28.08 -2.33
C ALA B 164 -73.35 -27.09 -3.46
N LEU B 165 -72.78 -25.89 -3.40
CA LEU B 165 -72.91 -24.91 -4.47
C LEU B 165 -71.76 -25.14 -5.46
N SER B 166 -72.10 -25.67 -6.63
CA SER B 166 -71.09 -26.01 -7.64
C SER B 166 -70.75 -24.83 -8.54
N SER B 167 -71.77 -24.27 -9.21
CA SER B 167 -71.54 -23.18 -10.13
C SER B 167 -71.40 -21.85 -9.39
N GLY B 168 -70.73 -20.90 -10.04
CA GLY B 168 -70.59 -19.56 -9.52
C GLY B 168 -69.44 -19.33 -8.57
N VAL B 169 -68.78 -20.39 -8.11
CA VAL B 169 -67.68 -20.27 -7.15
C VAL B 169 -66.56 -19.44 -7.78
N HIS B 170 -66.41 -18.20 -7.33
CA HIS B 170 -65.44 -17.25 -7.89
C HIS B 170 -64.57 -16.73 -6.74
N THR B 171 -63.56 -17.50 -6.37
CA THR B 171 -62.63 -17.11 -5.30
C THR B 171 -61.51 -16.25 -5.89
N PHE B 172 -61.30 -15.07 -5.30
CA PHE B 172 -60.34 -14.10 -5.79
C PHE B 172 -58.97 -14.36 -5.17
N PRO B 173 -57.89 -13.76 -5.72
CA PRO B 173 -56.54 -14.03 -5.20
C PRO B 173 -56.30 -13.41 -3.83
N ALA B 174 -55.10 -13.66 -3.29
CA ALA B 174 -54.68 -13.11 -2.00
C ALA B 174 -53.82 -11.87 -2.19
N VAL B 175 -53.59 -11.17 -1.09
CA VAL B 175 -52.80 -9.94 -1.10
C VAL B 175 -52.23 -9.74 0.29
N LEU B 176 -51.03 -9.15 0.35
CA LEU B 176 -50.34 -8.92 1.62
C LEU B 176 -50.57 -7.47 2.05
N GLN B 177 -51.48 -7.29 3.00
CA GLN B 177 -51.81 -5.95 3.49
C GLN B 177 -50.71 -5.40 4.39
N SER B 178 -50.52 -6.03 5.56
CA SER B 178 -49.49 -5.62 6.50
C SER B 178 -48.86 -6.89 7.10
N GLY B 179 -48.29 -7.72 6.24
CA GLY B 179 -47.68 -8.96 6.63
C GLY B 179 -48.58 -10.18 6.54
N LEU B 180 -49.88 -9.99 6.40
CA LEU B 180 -50.83 -11.09 6.36
C LEU B 180 -51.57 -11.11 5.02
N TYR B 181 -52.05 -12.29 4.64
CA TYR B 181 -52.84 -12.42 3.43
C TYR B 181 -54.30 -12.03 3.70
N THR B 182 -55.03 -11.75 2.62
CA THR B 182 -56.44 -11.40 2.69
C THR B 182 -57.06 -11.65 1.33
N LEU B 183 -58.25 -12.25 1.32
CA LEU B 183 -58.91 -12.60 0.07
C LEU B 183 -60.42 -12.52 0.24
N THR B 184 -61.12 -12.63 -0.90
CA THR B 184 -62.57 -12.68 -0.94
C THR B 184 -62.99 -13.77 -1.93
N SER B 185 -64.19 -14.30 -1.73
CA SER B 185 -64.71 -15.37 -2.58
C SER B 185 -66.21 -15.15 -2.78
N SER B 186 -66.59 -14.79 -4.00
CA SER B 186 -67.97 -14.51 -4.35
C SER B 186 -68.58 -15.65 -5.15
N VAL B 187 -69.90 -15.72 -5.12
CA VAL B 187 -70.65 -16.71 -5.91
C VAL B 187 -71.93 -16.03 -6.41
N THR B 188 -72.10 -15.99 -7.73
CA THR B 188 -73.28 -15.37 -8.32
C THR B 188 -74.41 -16.39 -8.34
N VAL B 189 -75.46 -16.14 -7.55
CA VAL B 189 -76.60 -17.03 -7.47
C VAL B 189 -77.79 -16.37 -8.16
N PRO B 190 -78.76 -17.12 -8.65
CA PRO B 190 -79.93 -16.50 -9.28
C PRO B 190 -80.71 -15.65 -8.28
N SER B 191 -81.54 -14.75 -8.84
CA SER B 191 -82.29 -13.83 -7.99
C SER B 191 -83.31 -14.55 -7.12
N SER B 192 -83.83 -15.68 -7.59
CA SER B 192 -84.87 -16.40 -6.84
C SER B 192 -84.31 -17.22 -5.69
N THR B 193 -83.02 -17.55 -5.70
CA THR B 193 -82.45 -18.44 -4.69
C THR B 193 -82.15 -17.73 -3.38
N TRP B 194 -81.97 -16.41 -3.39
CA TRP B 194 -81.68 -15.64 -2.20
C TRP B 194 -82.44 -14.31 -2.28
N PRO B 195 -82.91 -13.78 -1.14
CA PRO B 195 -82.79 -14.23 0.25
C PRO B 195 -83.75 -15.35 0.68
N SER B 196 -84.15 -16.21 -0.25
CA SER B 196 -85.01 -17.32 0.08
C SER B 196 -84.24 -18.41 0.83
N GLN B 197 -83.35 -19.10 0.13
CA GLN B 197 -82.62 -20.20 0.73
C GLN B 197 -81.54 -19.69 1.69
N THR B 198 -81.08 -20.60 2.57
CA THR B 198 -80.02 -20.29 3.52
C THR B 198 -78.68 -20.45 2.82
N VAL B 199 -77.96 -19.33 2.68
CA VAL B 199 -76.66 -19.31 2.03
C VAL B 199 -75.58 -19.37 3.10
N THR B 200 -74.76 -20.42 3.07
CA THR B 200 -73.76 -20.71 4.08
C THR B 200 -72.37 -20.55 3.47
N CYS B 201 -71.48 -19.86 4.19
CA CYS B 201 -70.08 -19.72 3.79
C CYS B 201 -69.22 -20.53 4.75
N ASN B 202 -68.61 -21.60 4.23
CA ASN B 202 -67.70 -22.43 5.00
C ASN B 202 -66.26 -22.00 4.69
N VAL B 203 -65.50 -21.66 5.73
CA VAL B 203 -64.11 -21.27 5.59
C VAL B 203 -63.27 -22.09 6.56
N ALA B 204 -62.17 -22.64 6.07
CA ALA B 204 -61.28 -23.44 6.91
C ALA B 204 -59.83 -23.12 6.59
N HIS B 205 -58.99 -23.13 7.62
CA HIS B 205 -57.55 -22.86 7.51
C HIS B 205 -56.82 -24.12 7.98
N PRO B 206 -56.49 -25.04 7.08
CA PRO B 206 -55.87 -26.30 7.51
C PRO B 206 -54.53 -26.13 8.20
N ALA B 207 -53.83 -25.03 7.97
CA ALA B 207 -52.55 -24.81 8.63
C ALA B 207 -52.74 -24.65 10.14
N SER B 208 -53.70 -23.82 10.53
CA SER B 208 -53.98 -23.58 11.94
C SER B 208 -55.15 -24.42 12.47
N SER B 209 -55.72 -25.28 11.64
CA SER B 209 -56.76 -26.23 12.05
C SER B 209 -57.99 -25.51 12.61
N THR B 210 -58.59 -24.67 11.77
CA THR B 210 -59.82 -23.98 12.09
C THR B 210 -60.84 -24.17 10.98
N LYS B 211 -62.10 -23.90 11.29
CA LYS B 211 -63.19 -24.10 10.35
C LYS B 211 -64.38 -23.27 10.82
N VAL B 212 -64.53 -22.08 10.26
CA VAL B 212 -65.58 -21.15 10.64
C VAL B 212 -66.69 -21.19 9.61
N ASP B 213 -67.93 -21.09 10.07
CA ASP B 213 -69.12 -21.08 9.20
C ASP B 213 -69.88 -19.79 9.42
N LYS B 214 -70.13 -19.06 8.33
CA LYS B 214 -70.86 -17.80 8.38
C LYS B 214 -72.00 -17.82 7.38
N LYS B 215 -73.17 -17.40 7.83
CA LYS B 215 -74.33 -17.23 6.96
C LYS B 215 -74.37 -15.79 6.44
N ILE B 216 -75.17 -15.56 5.40
CA ILE B 216 -75.28 -14.25 4.76
C ILE B 216 -76.72 -13.78 4.90
N VAL B 217 -76.93 -12.78 5.75
CA VAL B 217 -78.23 -12.12 5.92
C VAL B 217 -77.99 -10.62 6.07
N PRO B 218 -78.64 -9.78 5.26
CA PRO B 218 -78.43 -8.33 5.34
C PRO B 218 -79.34 -7.66 6.36
N GLN C 1 -21.78 4.05 -14.34
CA GLN C 1 -23.02 3.94 -13.57
C GLN C 1 -24.19 4.54 -14.34
N PHE C 2 -25.20 3.71 -14.61
CA PHE C 2 -26.32 4.13 -15.45
C PHE C 2 -27.53 3.26 -15.14
N VAL C 3 -28.67 3.63 -15.71
CA VAL C 3 -29.93 2.95 -15.49
C VAL C 3 -30.44 2.43 -16.83
N LEU C 4 -30.97 1.21 -16.83
CA LEU C 4 -31.56 0.60 -18.02
C LEU C 4 -33.07 0.78 -17.95
N SER C 5 -33.61 1.61 -18.84
CA SER C 5 -35.03 1.96 -18.83
C SER C 5 -35.78 1.08 -19.81
N GLN C 6 -36.57 0.14 -19.28
CA GLN C 6 -37.46 -0.69 -20.07
C GLN C 6 -38.92 -0.32 -19.81
N PRO C 7 -39.77 -0.35 -20.85
CA PRO C 7 -41.19 -0.09 -20.63
C PRO C 7 -41.84 -1.17 -19.78
N ASN C 8 -43.12 -0.99 -19.43
CA ASN C 8 -43.75 -1.84 -18.43
C ASN C 8 -44.46 -3.05 -19.02
N SER C 9 -45.34 -2.84 -20.00
CA SER C 9 -46.11 -3.94 -20.55
C SER C 9 -46.43 -3.69 -22.02
N VAL C 10 -46.30 -4.74 -22.83
CA VAL C 10 -46.62 -4.71 -24.25
C VAL C 10 -47.42 -5.97 -24.59
N SER C 11 -48.41 -5.81 -25.45
CA SER C 11 -49.25 -6.91 -25.91
C SER C 11 -49.29 -6.92 -27.43
N THR C 12 -49.16 -8.11 -28.02
CA THR C 12 -49.06 -8.26 -29.46
C THR C 12 -50.04 -9.31 -29.95
N ASN C 13 -50.23 -9.33 -31.27
CA ASN C 13 -51.04 -10.32 -31.94
C ASN C 13 -50.14 -11.30 -32.69
N LEU C 14 -50.61 -12.54 -32.82
CA LEU C 14 -49.80 -13.61 -33.38
C LEU C 14 -49.33 -13.26 -34.79
N GLY C 15 -48.01 -13.15 -34.95
CA GLY C 15 -47.42 -12.82 -36.22
C GLY C 15 -47.03 -11.37 -36.41
N SER C 16 -46.72 -10.66 -35.33
CA SER C 16 -46.34 -9.26 -35.39
C SER C 16 -44.83 -9.10 -35.23
N THR C 17 -44.35 -7.90 -35.57
CA THR C 17 -42.95 -7.52 -35.39
C THR C 17 -42.88 -6.52 -34.24
N VAL C 18 -42.32 -6.95 -33.12
CA VAL C 18 -42.28 -6.15 -31.89
C VAL C 18 -40.83 -5.80 -31.57
N LYS C 19 -40.60 -4.54 -31.23
CA LYS C 19 -39.30 -4.06 -30.78
C LYS C 19 -39.38 -3.70 -29.30
N LEU C 20 -38.37 -4.11 -28.54
CA LEU C 20 -38.32 -3.90 -27.09
C LEU C 20 -37.07 -3.10 -26.77
N SER C 21 -37.26 -1.92 -26.18
CA SER C 21 -36.16 -1.01 -25.92
C SER C 21 -35.51 -1.29 -24.57
N CYS C 22 -34.36 -0.65 -24.35
CA CYS C 22 -33.60 -0.73 -23.11
C CYS C 22 -32.72 0.50 -23.01
N LYS C 23 -33.29 1.63 -22.62
CA LYS C 23 -32.64 2.92 -22.77
C LYS C 23 -31.65 3.17 -21.63
N ARG C 24 -30.37 3.28 -21.98
CA ARG C 24 -29.35 3.63 -21.00
C ARG C 24 -29.39 5.12 -20.70
N SER C 25 -29.22 5.47 -19.43
CA SER C 25 -29.34 6.86 -19.01
C SER C 25 -28.08 7.65 -19.35
N THR C 26 -26.93 7.22 -18.81
CA THR C 26 -25.67 7.93 -18.99
C THR C 26 -24.64 7.02 -19.64
N GLY C 27 -23.73 7.62 -20.40
CA GLY C 27 -22.68 6.88 -21.07
C GLY C 27 -23.12 6.28 -22.39
N ASN C 28 -22.18 6.12 -23.32
CA ASN C 28 -22.51 5.57 -24.62
C ASN C 28 -22.77 4.07 -24.51
N ILE C 29 -23.93 3.63 -24.97
CA ILE C 29 -24.29 2.22 -24.89
C ILE C 29 -23.41 1.36 -25.77
N GLY C 30 -22.72 1.95 -26.74
CA GLY C 30 -21.87 1.20 -27.65
C GLY C 30 -20.53 0.81 -27.06
N SER C 31 -20.40 0.89 -25.74
CA SER C 31 -19.19 0.48 -25.05
C SER C 31 -19.44 -0.60 -23.99
N ASN C 32 -20.68 -1.01 -23.77
CA ASN C 32 -21.01 -2.04 -22.80
C ASN C 32 -21.91 -3.07 -23.46
N TYR C 33 -21.49 -4.34 -23.43
CA TYR C 33 -22.29 -5.42 -23.99
C TYR C 33 -23.64 -5.49 -23.28
N VAL C 34 -24.71 -5.53 -24.08
CA VAL C 34 -26.05 -5.75 -23.56
C VAL C 34 -26.46 -7.18 -23.91
N SER C 35 -27.20 -7.81 -23.01
CA SER C 35 -27.61 -9.20 -23.16
C SER C 35 -29.10 -9.32 -22.86
N TRP C 36 -29.87 -9.81 -23.84
CA TRP C 36 -31.31 -9.90 -23.72
C TRP C 36 -31.69 -11.32 -23.28
N TYR C 37 -32.38 -11.40 -22.14
CA TYR C 37 -32.82 -12.66 -21.57
C TYR C 37 -34.34 -12.74 -21.58
N GLN C 38 -34.86 -13.96 -21.73
CA GLN C 38 -36.30 -14.21 -21.73
C GLN C 38 -36.64 -14.97 -20.45
N HIS C 39 -37.40 -14.32 -19.57
CA HIS C 39 -37.85 -14.93 -18.33
C HIS C 39 -39.34 -15.24 -18.44
N HIS C 40 -39.67 -16.53 -18.35
CA HIS C 40 -41.05 -16.99 -18.35
C HIS C 40 -41.45 -17.33 -16.92
N GLU C 41 -42.70 -17.01 -16.58
CA GLU C 41 -43.17 -17.25 -15.22
C GLU C 41 -43.18 -18.73 -14.90
N GLY C 42 -42.80 -19.08 -13.68
CA GLY C 42 -42.72 -20.47 -13.27
C GLY C 42 -41.62 -21.25 -13.94
N ARG C 43 -40.57 -20.57 -14.40
CA ARG C 43 -39.45 -21.22 -15.06
C ARG C 43 -38.18 -20.44 -14.75
N SER C 44 -37.06 -20.93 -15.28
CA SER C 44 -35.81 -20.20 -15.12
C SER C 44 -35.55 -19.32 -16.34
N PRO C 45 -34.94 -18.15 -16.15
CA PRO C 45 -34.68 -17.26 -17.30
C PRO C 45 -33.74 -17.90 -18.29
N THR C 46 -34.03 -17.68 -19.57
CA THR C 46 -33.20 -18.15 -20.67
C THR C 46 -32.44 -16.97 -21.27
N THR C 47 -31.70 -17.23 -22.34
CA THR C 47 -30.86 -16.22 -22.98
C THR C 47 -31.20 -16.17 -24.47
N MET C 48 -31.57 -14.98 -24.95
CA MET C 48 -31.94 -14.77 -26.35
C MET C 48 -30.90 -14.00 -27.14
N ILE C 49 -30.31 -12.95 -26.57
CA ILE C 49 -29.34 -12.11 -27.26
C ILE C 49 -28.16 -11.86 -26.36
N TYR C 50 -26.95 -11.91 -26.93
CA TYR C 50 -25.73 -11.58 -26.21
C TYR C 50 -24.79 -10.83 -27.15
N ARG C 51 -23.83 -10.13 -26.56
CA ARG C 51 -22.88 -9.30 -27.29
C ARG C 51 -23.57 -8.48 -28.37
N ASP C 52 -24.60 -7.73 -27.93
CA ASP C 52 -25.35 -6.77 -28.73
C ASP C 52 -26.34 -7.45 -29.68
N ASP C 53 -25.86 -8.29 -30.60
CA ASP C 53 -26.75 -8.82 -31.62
C ASP C 53 -26.65 -10.32 -31.87
N GLN C 54 -25.56 -11.00 -31.50
CA GLN C 54 -25.48 -12.44 -31.75
C GLN C 54 -26.43 -13.19 -30.81
N ARG C 55 -27.00 -14.28 -31.33
CA ARG C 55 -27.95 -15.06 -30.55
C ARG C 55 -27.49 -16.51 -30.41
N PRO C 56 -27.79 -17.14 -29.29
CA PRO C 56 -27.30 -18.50 -29.05
C PRO C 56 -27.95 -19.51 -30.00
N ASP C 57 -27.26 -20.64 -30.16
CA ASP C 57 -27.80 -21.76 -30.92
C ASP C 57 -29.04 -22.30 -30.22
N GLY C 58 -30.17 -22.29 -30.93
CA GLY C 58 -31.45 -22.62 -30.34
C GLY C 58 -32.38 -21.44 -30.17
N VAL C 59 -31.97 -20.26 -30.63
CA VAL C 59 -32.80 -19.06 -30.63
C VAL C 59 -33.17 -18.75 -32.08
N PRO C 60 -34.44 -18.81 -32.46
CA PRO C 60 -34.81 -18.59 -33.87
C PRO C 60 -34.45 -17.19 -34.33
N ASP C 61 -34.37 -17.05 -35.66
CA ASP C 61 -34.05 -15.75 -36.26
C ASP C 61 -35.08 -14.69 -35.92
N ARG C 62 -36.27 -15.09 -35.44
CA ARG C 62 -37.28 -14.14 -35.05
C ARG C 62 -36.74 -13.13 -34.04
N PHE C 63 -35.89 -13.58 -33.13
CA PHE C 63 -35.29 -12.73 -32.12
C PHE C 63 -34.05 -12.05 -32.69
N SER C 64 -33.95 -10.73 -32.52
CA SER C 64 -32.85 -9.97 -33.10
C SER C 64 -32.53 -8.78 -32.20
N GLY C 65 -31.27 -8.33 -32.26
CA GLY C 65 -30.83 -7.19 -31.48
C GLY C 65 -30.42 -6.01 -32.35
N SER C 66 -30.30 -4.83 -31.74
CA SER C 66 -29.99 -3.62 -32.49
C SER C 66 -29.57 -2.48 -31.57
N ILE C 67 -28.36 -1.97 -31.75
CA ILE C 67 -27.84 -0.85 -30.97
C ILE C 67 -28.01 0.42 -31.80
N ASP C 68 -28.65 1.42 -31.22
CA ASP C 68 -28.88 2.71 -31.86
C ASP C 68 -28.12 3.78 -31.10
N ARG C 69 -27.02 4.27 -31.67
CA ARG C 69 -26.25 5.34 -31.06
C ARG C 69 -27.05 6.63 -30.91
N SER C 70 -28.05 6.87 -31.76
CA SER C 70 -28.83 8.11 -31.67
C SER C 70 -29.63 8.16 -30.37
N SER C 71 -30.46 7.15 -30.12
CA SER C 71 -31.31 7.12 -28.93
C SER C 71 -30.65 6.44 -27.74
N ASN C 72 -29.40 5.98 -27.89
CA ASN C 72 -28.65 5.34 -26.81
C ASN C 72 -29.45 4.20 -26.17
N SER C 73 -29.90 3.28 -27.01
CA SER C 73 -30.74 2.19 -26.53
C SER C 73 -30.57 0.97 -27.43
N ALA C 74 -30.55 -0.20 -26.81
CA ALA C 74 -30.63 -1.45 -27.55
C ALA C 74 -32.09 -1.80 -27.82
N LEU C 75 -32.30 -2.69 -28.79
CA LEU C 75 -33.65 -3.06 -29.20
C LEU C 75 -33.70 -4.53 -29.54
N LEU C 76 -34.51 -5.28 -28.78
CA LEU C 76 -34.77 -6.69 -29.08
C LEU C 76 -36.00 -6.77 -29.99
N THR C 77 -35.80 -7.27 -31.21
CA THR C 77 -36.87 -7.35 -32.20
C THR C 77 -37.29 -8.81 -32.36
N ILE C 78 -38.57 -9.07 -32.14
CA ILE C 78 -39.14 -10.42 -32.23
C ILE C 78 -40.19 -10.41 -33.33
N ASP C 79 -39.90 -11.07 -34.44
CA ASP C 79 -40.82 -11.16 -35.56
C ASP C 79 -41.67 -12.42 -35.45
N ASN C 80 -42.86 -12.36 -36.03
CA ASN C 80 -43.79 -13.49 -36.06
C ASN C 80 -44.00 -14.04 -34.65
N VAL C 81 -44.58 -13.19 -33.80
CA VAL C 81 -44.75 -13.55 -32.39
C VAL C 81 -45.60 -14.80 -32.27
N GLN C 82 -45.08 -15.81 -31.59
CA GLN C 82 -45.75 -17.08 -31.43
C GLN C 82 -46.45 -17.15 -30.07
N THR C 83 -47.18 -18.24 -29.85
CA THR C 83 -48.01 -18.37 -28.67
C THR C 83 -47.17 -18.37 -27.39
N GLU C 84 -46.02 -19.05 -27.41
CA GLU C 84 -45.21 -19.18 -26.20
C GLU C 84 -44.39 -17.93 -25.89
N ASP C 85 -44.42 -16.92 -26.77
CA ASP C 85 -43.63 -15.71 -26.54
C ASP C 85 -44.21 -14.82 -25.44
N GLU C 86 -45.30 -15.23 -24.79
CA GLU C 86 -45.84 -14.45 -23.68
C GLU C 86 -44.96 -14.65 -22.45
N ALA C 87 -43.97 -13.78 -22.28
CA ALA C 87 -43.03 -13.87 -21.17
C ALA C 87 -42.40 -12.51 -20.94
N ALA C 88 -41.62 -12.42 -19.87
CA ALA C 88 -40.89 -11.19 -19.55
C ALA C 88 -39.51 -11.24 -20.18
N TYR C 89 -39.07 -10.10 -20.71
CA TYR C 89 -37.78 -9.98 -21.37
C TYR C 89 -36.94 -8.94 -20.67
N PHE C 90 -35.62 -9.20 -20.63
CA PHE C 90 -34.70 -8.42 -19.81
C PHE C 90 -33.43 -8.12 -20.56
N CYS C 91 -32.79 -7.00 -20.20
CA CYS C 91 -31.49 -6.62 -20.74
C CYS C 91 -30.48 -6.48 -19.60
N HIS C 92 -29.21 -6.65 -19.93
CA HIS C 92 -28.16 -6.68 -18.92
C HIS C 92 -26.84 -6.21 -19.51
N SER C 93 -26.32 -5.10 -18.98
CA SER C 93 -25.02 -4.57 -19.37
C SER C 93 -24.08 -4.60 -18.17
N TYR C 94 -22.82 -5.00 -18.41
CA TYR C 94 -21.84 -5.15 -17.35
C TYR C 94 -20.65 -4.23 -17.62
N SER C 95 -20.07 -3.70 -16.54
CA SER C 95 -18.90 -2.84 -16.65
C SER C 95 -18.22 -2.73 -15.30
N THR C 96 -16.95 -3.11 -15.23
CA THR C 96 -16.07 -2.85 -14.09
C THR C 96 -16.70 -3.25 -12.76
N GLY C 97 -17.19 -4.49 -12.69
CA GLY C 97 -17.77 -4.99 -11.47
C GLY C 97 -19.18 -4.53 -11.16
N MET C 98 -19.91 -4.05 -12.15
CA MET C 98 -21.28 -3.58 -11.97
C MET C 98 -22.17 -4.28 -12.99
N TYR C 99 -23.08 -5.12 -12.50
CA TYR C 99 -24.02 -5.86 -13.33
C TYR C 99 -25.36 -5.14 -13.26
N ILE C 100 -25.68 -4.37 -14.29
CA ILE C 100 -26.90 -3.56 -14.33
C ILE C 100 -27.95 -4.27 -15.16
N PHE C 101 -29.20 -4.24 -14.70
CA PHE C 101 -30.31 -4.91 -15.36
C PHE C 101 -31.39 -3.91 -15.73
N GLY C 102 -32.36 -4.38 -16.51
CA GLY C 102 -33.46 -3.56 -16.98
C GLY C 102 -34.71 -3.71 -16.13
N GLY C 103 -35.82 -3.20 -16.67
CA GLY C 103 -37.07 -3.18 -15.95
C GLY C 103 -37.90 -4.44 -16.09
N GLY C 104 -37.79 -5.11 -17.24
CA GLY C 104 -38.55 -6.32 -17.47
C GLY C 104 -39.90 -6.08 -18.11
N THR C 105 -39.91 -5.86 -19.42
CA THR C 105 -41.15 -5.61 -20.15
C THR C 105 -41.89 -6.92 -20.34
N LYS C 106 -43.14 -6.97 -19.90
CA LYS C 106 -43.95 -8.18 -19.97
C LYS C 106 -44.66 -8.21 -21.33
N LEU C 107 -44.26 -9.14 -22.18
CA LEU C 107 -44.86 -9.30 -23.50
C LEU C 107 -46.07 -10.22 -23.41
N THR C 108 -47.21 -9.75 -23.92
CA THR C 108 -48.46 -10.50 -23.87
C THR C 108 -48.83 -10.96 -25.27
N VAL C 109 -49.23 -12.22 -25.39
CA VAL C 109 -49.70 -12.79 -26.64
C VAL C 109 -51.21 -12.88 -26.58
N LEU C 110 -51.89 -12.15 -27.47
CA LEU C 110 -53.35 -12.04 -27.45
C LEU C 110 -53.94 -13.11 -28.35
N GLY C 111 -54.21 -14.28 -27.78
CA GLY C 111 -54.94 -15.32 -28.46
C GLY C 111 -56.42 -15.16 -28.25
N GLN C 112 -56.78 -14.50 -27.15
CA GLN C 112 -58.15 -14.15 -26.80
C GLN C 112 -58.47 -12.74 -27.28
N PRO C 113 -59.74 -12.41 -27.48
CA PRO C 113 -60.10 -11.06 -27.93
C PRO C 113 -60.08 -10.06 -26.79
N LYS C 114 -60.21 -8.78 -27.15
CA LYS C 114 -60.25 -7.72 -26.16
C LYS C 114 -61.42 -7.91 -25.21
N SER C 115 -61.22 -7.47 -23.96
CA SER C 115 -62.21 -7.69 -22.92
C SER C 115 -62.09 -6.62 -21.86
N THR C 116 -63.21 -5.96 -21.52
CA THR C 116 -63.31 -4.99 -20.44
C THR C 116 -63.63 -5.69 -19.13
N PRO C 117 -63.19 -5.14 -18.00
CA PRO C 117 -63.40 -5.82 -16.71
C PRO C 117 -64.79 -5.61 -16.16
N THR C 118 -65.34 -6.65 -15.53
CA THR C 118 -66.62 -6.59 -14.86
C THR C 118 -66.37 -6.36 -13.36
N LEU C 119 -66.89 -5.25 -12.84
CA LEU C 119 -66.63 -4.84 -11.47
C LEU C 119 -67.75 -5.27 -10.54
N THR C 120 -67.42 -5.35 -9.25
CA THR C 120 -68.35 -5.77 -8.21
C THR C 120 -67.91 -5.18 -6.89
N MET C 121 -68.83 -4.55 -6.17
CA MET C 121 -68.51 -3.83 -4.95
C MET C 121 -69.20 -4.46 -3.75
N PHE C 122 -68.56 -4.32 -2.58
CA PHE C 122 -69.04 -4.89 -1.33
C PHE C 122 -68.74 -3.94 -0.17
N PRO C 123 -69.73 -3.61 0.65
CA PRO C 123 -69.48 -2.74 1.81
C PRO C 123 -69.11 -3.55 3.03
N PRO C 124 -68.56 -2.91 4.08
CA PRO C 124 -68.17 -3.66 5.27
C PRO C 124 -69.34 -4.37 5.93
N SER C 125 -69.04 -5.50 6.57
CA SER C 125 -70.03 -6.32 7.23
C SER C 125 -70.39 -5.75 8.59
N PRO C 126 -71.60 -6.02 9.09
CA PRO C 126 -71.99 -5.47 10.40
C PRO C 126 -71.07 -5.88 11.54
N GLU C 127 -70.56 -7.12 11.52
CA GLU C 127 -69.68 -7.58 12.58
C GLU C 127 -68.38 -6.80 12.65
N GLU C 128 -67.85 -6.40 11.48
CA GLU C 128 -66.66 -5.56 11.48
C GLU C 128 -66.95 -4.16 12.02
N LEU C 129 -68.17 -3.67 11.82
CA LEU C 129 -68.54 -2.37 12.37
C LEU C 129 -68.53 -2.40 13.89
N GLN C 130 -68.85 -3.54 14.49
CA GLN C 130 -68.81 -3.65 15.95
C GLN C 130 -67.40 -3.48 16.49
N GLU C 131 -66.39 -3.89 15.72
CA GLU C 131 -65.00 -3.85 16.13
C GLU C 131 -64.33 -2.50 15.84
N ASN C 132 -65.08 -1.52 15.37
CA ASN C 132 -64.55 -0.20 15.01
C ASN C 132 -63.49 -0.32 13.91
N LYS C 133 -63.92 -0.87 12.77
CA LYS C 133 -63.04 -1.09 11.64
C LYS C 133 -63.90 -1.22 10.38
N ALA C 134 -63.32 -0.87 9.24
CA ALA C 134 -64.01 -0.97 7.96
C ALA C 134 -62.99 -1.28 6.86
N THR C 135 -63.46 -2.00 5.84
CA THR C 135 -62.61 -2.37 4.71
C THR C 135 -63.48 -2.57 3.48
N LEU C 136 -63.14 -1.90 2.39
CA LEU C 136 -63.88 -2.01 1.14
C LEU C 136 -63.23 -3.01 0.20
N VAL C 137 -64.06 -3.55 -0.70
CA VAL C 137 -63.65 -4.64 -1.58
C VAL C 137 -64.03 -4.28 -3.01
N CYS C 138 -63.06 -4.34 -3.93
CA CYS C 138 -63.28 -4.13 -5.35
C CYS C 138 -62.92 -5.42 -6.08
N LEU C 139 -63.89 -5.98 -6.80
CA LEU C 139 -63.74 -7.27 -7.47
C LEU C 139 -63.65 -7.03 -8.98
N ILE C 140 -62.44 -7.17 -9.52
CA ILE C 140 -62.20 -7.02 -10.95
C ILE C 140 -62.06 -8.40 -11.56
N SER C 141 -62.94 -8.75 -12.50
CA SER C 141 -63.01 -10.11 -13.02
C SER C 141 -63.11 -10.11 -14.53
N ASN C 142 -62.78 -11.26 -15.11
CA ASN C 142 -62.90 -11.57 -16.54
C ASN C 142 -62.45 -10.40 -17.42
N PHE C 143 -61.17 -10.03 -17.27
CA PHE C 143 -60.54 -9.02 -18.10
C PHE C 143 -59.29 -9.60 -18.75
N SER C 144 -59.00 -9.11 -19.96
CA SER C 144 -57.84 -9.57 -20.73
C SER C 144 -57.54 -8.59 -21.86
N PRO C 145 -56.27 -8.22 -22.06
CA PRO C 145 -55.11 -8.63 -21.27
C PRO C 145 -55.01 -7.91 -19.92
N SER C 146 -53.90 -8.11 -19.22
CA SER C 146 -53.76 -7.67 -17.83
C SER C 146 -52.98 -6.37 -17.69
N GLY C 147 -52.99 -5.53 -18.72
CA GLY C 147 -52.39 -4.21 -18.61
C GLY C 147 -53.32 -3.25 -17.89
N VAL C 148 -53.53 -3.47 -16.59
CA VAL C 148 -54.57 -2.78 -15.85
C VAL C 148 -53.94 -1.88 -14.79
N THR C 149 -54.75 -0.92 -14.31
CA THR C 149 -54.33 0.03 -13.30
C THR C 149 -55.53 0.37 -12.44
N VAL C 150 -55.37 0.32 -11.12
CA VAL C 150 -56.48 0.50 -10.19
C VAL C 150 -56.41 1.90 -9.58
N ALA C 151 -57.52 2.32 -8.95
CA ALA C 151 -57.58 3.61 -8.28
C ALA C 151 -58.77 3.61 -7.33
N TRP C 152 -58.50 3.65 -6.03
CA TRP C 152 -59.54 3.80 -5.02
C TRP C 152 -59.83 5.29 -4.80
N LYS C 153 -61.11 5.64 -4.76
CA LYS C 153 -61.50 7.04 -4.62
C LYS C 153 -62.61 7.16 -3.58
N ALA C 154 -62.61 8.29 -2.87
CA ALA C 154 -63.59 8.56 -1.82
C ALA C 154 -64.09 9.99 -1.99
N ASN C 155 -65.37 10.13 -2.37
CA ASN C 155 -66.01 11.43 -2.58
C ASN C 155 -65.25 12.26 -3.61
N GLY C 156 -64.72 11.59 -4.64
CA GLY C 156 -63.97 12.24 -5.69
C GLY C 156 -62.49 12.38 -5.40
N THR C 157 -62.11 12.51 -4.14
CA THR C 157 -60.70 12.63 -3.79
C THR C 157 -60.05 11.25 -3.82
N PRO C 158 -58.86 11.12 -4.42
CA PRO C 158 -58.18 9.81 -4.47
C PRO C 158 -57.54 9.48 -3.14
N ILE C 159 -58.10 8.50 -2.43
CA ILE C 159 -57.51 8.04 -1.19
C ILE C 159 -56.25 7.25 -1.50
N THR C 160 -55.14 7.63 -0.85
CA THR C 160 -53.83 7.09 -1.17
C THR C 160 -53.42 5.94 -0.26
N GLN C 161 -53.45 6.15 1.06
CA GLN C 161 -52.96 5.15 1.99
C GLN C 161 -54.06 4.17 2.37
N GLY C 162 -53.64 3.03 2.91
CA GLY C 162 -54.57 1.99 3.30
C GLY C 162 -55.18 1.25 2.13
N VAL C 163 -54.39 0.96 1.09
CA VAL C 163 -54.87 0.30 -0.12
C VAL C 163 -53.88 -0.79 -0.50
N ASP C 164 -54.41 -1.95 -0.88
CA ASP C 164 -53.60 -3.08 -1.31
C ASP C 164 -54.27 -3.73 -2.51
N THR C 165 -53.49 -3.99 -3.57
CA THR C 165 -54.02 -4.46 -4.84
C THR C 165 -53.23 -5.68 -5.30
N SER C 166 -53.94 -6.77 -5.57
CA SER C 166 -53.31 -7.98 -6.08
C SER C 166 -53.13 -7.87 -7.60
N ASN C 167 -52.02 -8.45 -8.08
CA ASN C 167 -51.74 -8.44 -9.50
C ASN C 167 -52.69 -9.41 -10.22
N PRO C 168 -52.98 -9.16 -11.50
CA PRO C 168 -53.94 -10.00 -12.23
C PRO C 168 -53.48 -11.46 -12.28
N THR C 169 -54.25 -12.33 -11.66
CA THR C 169 -53.96 -13.75 -11.64
C THR C 169 -54.84 -14.48 -12.66
N LYS C 170 -54.50 -15.72 -12.92
CA LYS C 170 -55.27 -16.57 -13.82
C LYS C 170 -56.18 -17.50 -13.03
N GLU C 171 -57.49 -17.29 -13.14
CA GLU C 171 -58.53 -18.19 -12.62
C GLU C 171 -59.60 -18.53 -13.65
N ASP C 172 -59.93 -17.63 -14.61
CA ASP C 172 -60.86 -17.88 -15.72
C ASP C 172 -60.07 -17.96 -17.02
N ASN C 173 -60.78 -18.07 -18.15
CA ASN C 173 -60.14 -17.92 -19.45
C ASN C 173 -59.45 -16.56 -19.60
N LYS C 174 -59.84 -15.58 -18.78
CA LYS C 174 -59.22 -14.26 -18.72
C LYS C 174 -58.79 -13.99 -17.28
N TYR C 175 -58.05 -12.90 -17.10
CA TYR C 175 -57.41 -12.63 -15.81
C TYR C 175 -58.45 -12.23 -14.75
N MET C 176 -57.97 -12.05 -13.53
CA MET C 176 -58.82 -11.67 -12.40
C MET C 176 -57.93 -11.04 -11.32
N ALA C 177 -58.46 -10.03 -10.64
CA ALA C 177 -57.70 -9.31 -9.63
C ALA C 177 -58.64 -8.69 -8.62
N SER C 178 -58.07 -8.27 -7.48
CA SER C 178 -58.86 -7.72 -6.39
C SER C 178 -58.03 -6.68 -5.64
N SER C 179 -58.73 -5.73 -5.02
CA SER C 179 -58.09 -4.64 -4.29
C SER C 179 -58.89 -4.34 -3.02
N PHE C 180 -58.21 -3.80 -2.01
CA PHE C 180 -58.80 -3.59 -0.70
C PHE C 180 -58.48 -2.19 -0.18
N LEU C 181 -59.29 -1.73 0.76
CA LEU C 181 -59.17 -0.38 1.31
C LEU C 181 -59.58 -0.41 2.77
N HIS C 182 -58.61 -0.27 3.68
CA HIS C 182 -58.88 -0.26 5.11
C HIS C 182 -59.42 1.10 5.54
N LEU C 183 -60.26 1.09 6.58
CA LEU C 183 -60.94 2.29 7.02
C LEU C 183 -61.20 2.23 8.52
N THR C 184 -61.58 3.39 9.08
CA THR C 184 -62.04 3.49 10.45
C THR C 184 -63.56 3.39 10.48
N SER C 185 -64.10 2.99 11.64
CA SER C 185 -65.55 2.86 11.78
C SER C 185 -66.25 4.19 11.52
N ASP C 186 -65.82 5.25 12.21
CA ASP C 186 -66.48 6.53 12.03
C ASP C 186 -66.05 7.18 10.72
N GLN C 187 -64.89 6.80 10.19
CA GLN C 187 -64.40 7.41 8.96
C GLN C 187 -65.12 6.89 7.73
N TRP C 188 -65.72 5.69 7.80
CA TRP C 188 -66.49 5.19 6.66
C TRP C 188 -67.80 5.94 6.53
N ARG C 189 -68.59 5.98 7.60
CA ARG C 189 -69.83 6.75 7.61
C ARG C 189 -69.59 8.25 7.52
N SER C 190 -68.34 8.69 7.62
CA SER C 190 -68.03 10.12 7.50
C SER C 190 -68.35 10.62 6.09
N HIS C 191 -67.86 9.92 5.06
CA HIS C 191 -68.08 10.28 3.67
C HIS C 191 -69.11 9.34 3.05
N ASN C 192 -69.91 9.87 2.13
CA ASN C 192 -70.99 9.12 1.51
C ASN C 192 -70.74 8.89 0.02
N SER C 193 -69.49 8.67 -0.37
CA SER C 193 -69.16 8.42 -1.77
C SER C 193 -67.83 7.69 -1.85
N PHE C 194 -67.85 6.46 -2.35
CA PHE C 194 -66.66 5.66 -2.58
C PHE C 194 -66.75 5.03 -3.96
N THR C 195 -65.65 5.05 -4.70
CA THR C 195 -65.64 4.59 -6.08
C THR C 195 -64.35 3.84 -6.39
N CYS C 196 -64.43 2.93 -7.36
CA CYS C 196 -63.31 2.09 -7.79
C CYS C 196 -63.23 2.16 -9.31
N GLN C 197 -62.24 2.90 -9.82
CA GLN C 197 -62.05 3.03 -11.26
C GLN C 197 -60.81 2.24 -11.70
N VAL C 198 -60.96 1.46 -12.76
CA VAL C 198 -59.89 0.60 -13.27
C VAL C 198 -59.54 1.08 -14.67
N THR C 199 -58.29 1.50 -14.85
CA THR C 199 -57.80 1.96 -16.15
C THR C 199 -57.35 0.72 -16.94
N HIS C 200 -58.23 0.23 -17.82
CA HIS C 200 -57.97 -0.98 -18.61
C HIS C 200 -57.70 -0.54 -20.05
N GLU C 201 -56.44 -0.20 -20.33
CA GLU C 201 -56.00 0.18 -21.67
C GLU C 201 -56.73 1.40 -22.21
N GLY C 202 -57.16 2.30 -21.31
CA GLY C 202 -57.88 3.49 -21.71
C GLY C 202 -59.29 3.53 -21.17
N ASN C 203 -59.94 2.38 -21.10
CA ASN C 203 -61.29 2.28 -20.55
C ASN C 203 -61.20 2.33 -19.03
N THR C 204 -61.74 3.40 -18.44
CA THR C 204 -61.74 3.55 -16.98
C THR C 204 -63.13 3.19 -16.46
N VAL C 205 -63.38 1.88 -16.38
CA VAL C 205 -64.64 1.38 -15.83
C VAL C 205 -64.67 1.70 -14.33
N GLU C 206 -65.87 1.95 -13.81
CA GLU C 206 -65.99 2.49 -12.46
C GLU C 206 -67.33 2.07 -11.84
N LYS C 207 -67.31 1.80 -10.53
CA LYS C 207 -68.50 1.49 -9.76
C LYS C 207 -68.42 2.20 -8.41
N THR C 208 -69.54 2.18 -7.67
CA THR C 208 -69.64 3.01 -6.48
C THR C 208 -70.51 2.33 -5.42
N VAL C 209 -70.42 2.85 -4.18
CA VAL C 209 -71.22 2.41 -3.05
C VAL C 209 -71.55 3.64 -2.19
N SER C 210 -72.41 3.43 -1.20
CA SER C 210 -72.85 4.52 -0.31
C SER C 210 -73.23 4.01 1.06
N PRO C 211 -72.95 4.79 2.12
CA PRO C 211 -73.33 4.36 3.48
C PRO C 211 -74.83 4.23 3.69
N THR C 212 -75.65 4.92 2.91
CA THR C 212 -77.10 4.78 3.01
C THR C 212 -77.50 3.54 2.22
N GLU C 213 -77.61 2.41 2.91
CA GLU C 213 -77.87 1.12 2.31
C GLU C 213 -79.11 0.49 2.93
N CYS C 214 -79.61 -0.57 2.29
CA CYS C 214 -80.74 -1.30 2.84
C CYS C 214 -80.31 -2.09 4.07
N VAL C 215 -81.12 -2.01 5.13
CA VAL C 215 -80.81 -2.66 6.40
C VAL C 215 -81.96 -3.60 6.75
N ALA C 216 -81.67 -4.49 7.70
CA ALA C 216 -82.65 -5.45 8.21
C ALA C 216 -83.28 -6.28 7.10
N GLU D 20 39.64 7.70 -4.60
CA GLU D 20 39.46 8.31 -3.29
C GLU D 20 37.99 8.36 -2.87
N VAL D 21 37.75 8.15 -1.58
CA VAL D 21 36.40 8.35 -1.03
C VAL D 21 36.09 9.84 -1.06
N MET D 22 34.85 10.17 -1.44
CA MET D 22 34.46 11.57 -1.60
C MET D 22 32.99 11.71 -1.26
N LEU D 23 32.71 12.44 -0.17
CA LEU D 23 31.34 12.75 0.25
C LEU D 23 31.16 14.26 0.12
N VAL D 24 30.52 14.70 -0.95
CA VAL D 24 30.31 16.12 -1.21
C VAL D 24 28.86 16.46 -0.87
N GLU D 25 28.68 17.29 0.17
CA GLU D 25 27.36 17.68 0.62
C GLU D 25 26.86 18.90 -0.15
N SER D 26 25.61 19.28 0.11
CA SER D 26 24.97 20.40 -0.56
C SER D 26 23.69 20.76 0.18
N GLY D 27 23.26 22.00 0.01
CA GLY D 27 21.97 22.43 0.49
C GLY D 27 21.98 23.40 1.67
N GLY D 28 22.87 24.39 1.65
CA GLY D 28 22.96 25.36 2.73
C GLY D 28 22.29 26.66 2.37
N ASP D 29 21.40 27.12 3.26
CA ASP D 29 20.67 28.37 3.07
C ASP D 29 19.96 28.72 4.36
N LEU D 30 19.39 29.92 4.40
CA LEU D 30 18.68 30.41 5.58
C LEU D 30 17.20 30.06 5.50
N VAL D 31 16.61 29.78 6.65
CA VAL D 31 15.20 29.42 6.74
C VAL D 31 14.56 30.17 7.90
N LYS D 32 13.35 30.67 7.66
CA LYS D 32 12.55 31.22 8.76
C LYS D 32 12.15 30.10 9.70
N PRO D 33 12.10 30.37 11.02
CA PRO D 33 11.70 29.32 11.97
C PRO D 33 10.33 28.72 11.66
N GLY D 34 10.32 27.47 11.19
CA GLY D 34 9.10 26.80 10.81
C GLY D 34 9.18 26.21 9.42
N GLY D 35 10.20 26.59 8.66
CA GLY D 35 10.36 26.16 7.29
C GLY D 35 10.91 24.75 7.18
N SER D 36 11.31 24.40 5.95
CA SER D 36 11.81 23.06 5.65
C SER D 36 12.92 23.15 4.62
N LEU D 37 13.74 22.10 4.57
CA LEU D 37 14.91 22.08 3.69
C LEU D 37 15.38 20.65 3.53
N LYS D 38 15.92 20.35 2.34
CA LYS D 38 16.50 19.05 2.04
C LYS D 38 17.96 19.22 1.65
N VAL D 39 18.84 18.43 2.27
CA VAL D 39 20.27 18.50 2.03
C VAL D 39 20.72 17.16 1.46
N SER D 40 21.52 17.21 0.39
CA SER D 40 22.00 16.00 -0.26
C SER D 40 23.46 15.74 0.12
N CYS D 41 23.98 14.61 -0.37
CA CYS D 41 25.35 14.20 -0.08
C CYS D 41 25.78 13.21 -1.17
N ALA D 42 26.37 13.71 -2.25
CA ALA D 42 26.74 12.87 -3.39
C ALA D 42 27.94 12.02 -3.04
N ALA D 43 27.69 10.76 -2.67
CA ALA D 43 28.77 9.84 -2.37
C ALA D 43 29.39 9.32 -3.65
N SER D 44 30.72 9.20 -3.65
CA SER D 44 31.45 8.80 -4.85
C SER D 44 32.70 8.03 -4.46
N GLY D 45 33.03 7.02 -5.24
CA GLY D 45 34.28 6.30 -5.07
C GLY D 45 34.24 5.10 -4.17
N PHE D 46 33.08 4.46 -4.01
CA PHE D 46 32.96 3.26 -3.18
C PHE D 46 31.59 2.64 -3.43
N THR D 47 31.43 1.42 -2.94
CA THR D 47 30.17 0.68 -3.08
C THR D 47 29.17 1.29 -2.10
N PHE D 48 28.30 2.16 -2.61
CA PHE D 48 27.41 2.93 -1.73
C PHE D 48 26.45 2.03 -0.98
N SER D 49 25.80 1.09 -1.68
CA SER D 49 24.85 0.20 -1.03
C SER D 49 25.52 -0.76 -0.05
N ASN D 50 26.84 -0.90 -0.10
CA ASN D 50 27.55 -1.79 0.82
C ASN D 50 27.71 -1.21 2.21
N TYR D 51 27.67 0.12 2.35
CA TYR D 51 27.93 0.77 3.63
C TYR D 51 26.78 1.71 3.98
N ALA D 52 26.42 1.73 5.26
CA ALA D 52 25.33 2.57 5.73
C ALA D 52 25.83 3.99 6.01
N MET D 53 24.87 4.93 6.06
CA MET D 53 25.18 6.34 6.14
C MET D 53 24.57 6.96 7.38
N SER D 54 24.97 8.21 7.65
CA SER D 54 24.53 8.91 8.85
C SER D 54 24.82 10.40 8.71
N TRP D 55 24.12 11.20 9.52
CA TRP D 55 24.31 12.64 9.59
C TRP D 55 24.65 13.05 11.02
N VAL D 56 25.51 14.06 11.16
CA VAL D 56 25.83 14.67 12.44
C VAL D 56 26.02 16.16 12.23
N ARG D 57 25.60 16.95 13.23
CA ARG D 57 25.69 18.40 13.15
C ARG D 57 26.58 18.95 14.27
N GLN D 58 27.30 20.02 13.94
CA GLN D 58 28.20 20.69 14.88
C GLN D 58 27.69 22.10 15.10
N THR D 59 27.21 22.37 16.32
CA THR D 59 26.68 23.68 16.67
C THR D 59 27.76 24.74 16.50
N PRO D 60 27.37 26.03 16.43
CA PRO D 60 28.39 27.09 16.34
C PRO D 60 29.37 27.07 17.51
N GLU D 61 28.98 26.52 18.65
CA GLU D 61 29.82 26.30 19.81
C GLU D 61 30.79 25.14 19.64
N LYS D 62 30.87 24.59 18.43
CA LYS D 62 31.72 23.44 18.11
C LYS D 62 31.30 22.18 18.85
N ARG D 63 30.03 22.11 19.27
CA ARG D 63 29.50 20.92 19.92
C ARG D 63 28.90 19.99 18.87
N LEU D 64 29.29 18.72 18.92
CA LEU D 64 28.82 17.72 17.97
C LEU D 64 27.58 17.01 18.50
N GLU D 65 26.61 16.82 17.61
CA GLU D 65 25.39 16.08 17.92
C GLU D 65 25.14 15.05 16.82
N TRP D 66 24.55 13.93 17.21
CA TRP D 66 24.16 12.91 16.24
C TRP D 66 22.79 13.25 15.68
N VAL D 67 22.70 13.40 14.36
CA VAL D 67 21.47 13.82 13.72
C VAL D 67 20.60 12.61 13.39
N ALA D 68 21.12 11.69 12.59
CA ALA D 68 20.38 10.49 12.21
C ALA D 68 21.32 9.55 11.47
N THR D 69 20.89 8.30 11.33
CA THR D 69 21.60 7.29 10.58
C THR D 69 20.60 6.42 9.83
N ILE D 70 21.00 5.95 8.65
CA ILE D 70 20.12 5.19 7.78
C ILE D 70 20.76 3.84 7.48
N SER D 71 19.90 2.87 7.17
CA SER D 71 20.35 1.50 6.92
C SER D 71 21.08 1.40 5.57
N SER D 72 21.56 0.20 5.27
CA SER D 72 22.26 -0.02 4.00
C SER D 72 21.32 0.06 2.81
N GLY D 73 20.06 -0.36 2.99
CA GLY D 73 19.09 -0.31 1.93
C GLY D 73 17.85 0.47 2.31
N ALA D 74 17.98 1.35 3.31
CA ALA D 74 16.95 2.29 3.74
C ALA D 74 15.77 1.63 4.45
N SER D 75 15.91 0.37 4.88
CA SER D 75 14.83 -0.28 5.60
C SER D 75 14.73 0.19 7.05
N TYR D 76 15.85 0.59 7.66
CA TYR D 76 15.88 1.02 9.05
C TYR D 76 16.47 2.42 9.15
N THR D 77 15.93 3.21 10.07
CA THR D 77 16.45 4.54 10.38
C THR D 77 16.36 4.78 11.88
N HIS D 78 17.22 5.67 12.38
CA HIS D 78 17.24 6.02 13.79
C HIS D 78 17.41 7.52 13.93
N TYR D 79 16.78 8.07 14.97
CA TYR D 79 16.82 9.49 15.28
C TYR D 79 16.92 9.66 16.78
N PRO D 80 17.53 10.75 17.25
CA PRO D 80 17.53 11.04 18.69
C PRO D 80 16.23 11.69 19.12
N ASP D 81 16.04 11.75 20.44
CA ASP D 81 14.82 12.32 21.01
C ASP D 81 14.63 13.79 20.65
N SER D 82 15.71 14.49 20.28
CA SER D 82 15.61 15.92 19.99
C SER D 82 14.90 16.17 18.67
N VAL D 83 15.35 15.52 17.59
CA VAL D 83 14.83 15.78 16.26
C VAL D 83 13.89 14.66 15.78
N LYS D 84 13.30 13.91 16.71
CA LYS D 84 12.38 12.84 16.34
C LYS D 84 11.14 13.42 15.66
N GLY D 85 10.78 12.85 14.50
CA GLY D 85 9.61 13.29 13.76
C GLY D 85 9.78 14.58 13.00
N ARG D 86 10.84 15.35 13.25
CA ARG D 86 11.06 16.63 12.60
C ARG D 86 11.95 16.49 11.36
N PHE D 87 12.99 15.66 11.45
CA PHE D 87 13.92 15.44 10.36
C PHE D 87 13.64 14.08 9.72
N THR D 88 14.09 13.92 8.48
CA THR D 88 13.83 12.71 7.71
C THR D 88 15.04 12.37 6.86
N ILE D 89 15.77 11.32 7.26
CA ILE D 89 16.91 10.85 6.49
C ILE D 89 16.42 9.92 5.38
N SER D 90 17.14 9.91 4.26
CA SER D 90 16.77 9.13 3.10
C SER D 90 17.96 8.98 2.19
N ARG D 91 18.01 7.88 1.45
CA ARG D 91 19.14 7.60 0.56
C ARG D 91 18.63 7.05 -0.77
N ASP D 92 19.29 7.46 -1.85
CA ASP D 92 18.98 7.04 -3.21
C ASP D 92 20.17 6.23 -3.72
N ASN D 93 20.15 4.92 -3.48
CA ASN D 93 21.25 4.06 -3.89
C ASN D 93 21.32 3.87 -5.40
N ALA D 94 20.33 4.37 -6.15
CA ALA D 94 20.43 4.36 -7.61
C ALA D 94 21.42 5.42 -8.08
N LYS D 95 21.27 6.64 -7.58
CA LYS D 95 22.18 7.74 -7.89
C LYS D 95 23.34 7.84 -6.91
N ASN D 96 23.37 6.99 -5.88
CA ASN D 96 24.44 6.99 -4.87
C ASN D 96 24.55 8.35 -4.18
N THR D 97 23.43 8.78 -3.60
CA THR D 97 23.36 10.04 -2.87
C THR D 97 22.51 9.85 -1.62
N LEU D 98 22.90 10.53 -0.55
CA LEU D 98 22.16 10.56 0.71
C LEU D 98 21.40 11.87 0.84
N TYR D 99 20.33 11.85 1.63
CA TYR D 99 19.48 13.01 1.80
C TYR D 99 19.12 13.19 3.27
N LEU D 100 18.47 14.32 3.55
CA LEU D 100 17.99 14.65 4.89
C LEU D 100 16.99 15.80 4.81
N GLN D 101 15.72 15.52 5.11
CA GLN D 101 14.64 16.51 5.01
C GLN D 101 14.29 16.99 6.41
N MET D 102 14.54 18.26 6.69
CA MET D 102 14.31 18.87 7.99
C MET D 102 13.07 19.74 7.94
N SER D 103 12.29 19.73 9.02
CA SER D 103 10.99 20.41 9.05
C SER D 103 10.74 21.02 10.41
N SER D 104 9.82 21.98 10.44
CA SER D 104 9.41 22.70 11.67
C SER D 104 10.64 23.21 12.42
N LEU D 105 11.53 23.86 11.67
CA LEU D 105 12.87 24.17 12.17
C LEU D 105 12.83 25.21 13.28
N ARG D 106 13.75 25.08 14.22
CA ARG D 106 13.95 26.02 15.30
C ARG D 106 15.29 26.73 15.13
N SER D 107 15.51 27.77 15.95
CA SER D 107 16.76 28.50 15.89
C SER D 107 17.95 27.64 16.34
N GLU D 108 17.72 26.73 17.28
CA GLU D 108 18.79 25.84 17.72
C GLU D 108 19.27 24.92 16.62
N ASP D 109 18.45 24.67 15.60
CA ASP D 109 18.80 23.81 14.49
C ASP D 109 19.89 24.41 13.60
N THR D 110 20.41 25.59 13.94
CA THR D 110 21.49 26.21 13.19
C THR D 110 22.80 25.51 13.56
N ALA D 111 23.40 24.82 12.60
CA ALA D 111 24.65 24.09 12.83
C ALA D 111 25.26 23.73 11.49
N MET D 112 26.41 23.06 11.55
CA MET D 112 27.11 22.55 10.37
C MET D 112 26.83 21.07 10.26
N TYR D 113 26.09 20.67 9.23
CA TYR D 113 25.57 19.30 9.12
C TYR D 113 26.53 18.45 8.28
N TYR D 114 27.11 17.43 8.92
CA TYR D 114 28.08 16.55 8.29
C TYR D 114 27.42 15.25 7.84
N CYS D 115 27.89 14.72 6.70
CA CYS D 115 27.42 13.47 6.14
C CYS D 115 28.54 12.45 6.25
N GLY D 116 28.38 11.49 7.15
CA GLY D 116 29.44 10.53 7.47
C GLY D 116 29.02 9.10 7.20
N ARG D 117 29.96 8.31 6.69
CA ARG D 117 29.73 6.91 6.37
C ARG D 117 30.21 6.03 7.52
N GLN D 118 29.35 5.14 7.98
CA GLN D 118 29.68 4.28 9.11
C GLN D 118 30.60 3.14 8.68
N VAL D 119 31.33 2.60 9.67
CA VAL D 119 32.21 1.46 9.45
C VAL D 119 31.38 0.19 9.36
N ASN D 120 31.76 -0.69 8.43
CA ASN D 120 31.05 -1.95 8.25
C ASN D 120 31.97 -3.17 8.28
N ARG D 121 33.21 -3.02 8.75
CA ARG D 121 34.11 -4.15 8.90
C ARG D 121 33.41 -5.26 9.67
N HIS D 122 33.07 -4.97 10.92
CA HIS D 122 32.18 -5.81 11.71
C HIS D 122 30.75 -5.30 11.51
N ASP D 123 29.86 -6.19 11.06
CA ASP D 123 28.52 -5.80 10.63
C ASP D 123 27.70 -5.38 11.83
N ARG D 124 27.63 -4.08 12.10
CA ARG D 124 26.84 -3.57 13.20
C ARG D 124 26.12 -2.31 12.74
N ALA D 125 24.95 -2.05 13.34
CA ALA D 125 24.17 -0.88 12.98
C ALA D 125 24.75 0.41 13.54
N LEU D 126 25.42 0.34 14.69
CA LEU D 126 26.02 1.50 15.33
C LEU D 126 27.53 1.33 15.33
N ASP D 127 28.23 2.22 14.63
CA ASP D 127 29.68 2.16 14.53
C ASP D 127 30.23 3.56 14.33
N ALA D 128 31.55 3.66 14.30
CA ALA D 128 32.22 4.93 14.04
C ALA D 128 32.08 5.30 12.56
N MET D 129 32.42 6.55 12.25
CA MET D 129 32.33 7.07 10.89
C MET D 129 33.70 6.95 10.23
N ASP D 130 33.82 6.03 9.27
CA ASP D 130 35.08 5.81 8.57
C ASP D 130 35.57 7.09 7.91
N TYR D 131 34.70 7.71 7.11
CA TYR D 131 35.05 8.94 6.40
C TYR D 131 33.95 9.98 6.63
N TRP D 132 34.38 11.22 6.84
CA TRP D 132 33.47 12.34 7.02
C TRP D 132 33.44 13.20 5.76
N GLY D 133 32.39 14.02 5.66
CA GLY D 133 32.22 14.88 4.52
C GLY D 133 32.64 16.32 4.79
N GLN D 134 32.61 17.12 3.72
CA GLN D 134 33.05 18.51 3.82
C GLN D 134 32.18 19.30 4.80
N GLY D 135 30.89 19.00 4.83
CA GLY D 135 29.98 19.71 5.70
C GLY D 135 29.37 20.95 5.07
N THR D 136 28.05 21.05 5.12
CA THR D 136 27.32 22.23 4.62
C THR D 136 26.49 22.79 5.76
N SER D 137 26.71 24.06 6.07
CA SER D 137 26.09 24.69 7.23
C SER D 137 24.78 25.37 6.84
N VAL D 138 23.84 25.38 7.80
CA VAL D 138 22.54 26.01 7.63
C VAL D 138 22.40 27.10 8.70
N THR D 139 21.39 27.95 8.50
CA THR D 139 21.11 29.05 9.42
C THR D 139 19.61 29.26 9.52
N VAL D 140 19.15 29.65 10.71
CA VAL D 140 17.73 29.87 10.98
C VAL D 140 17.60 31.26 11.60
N SER D 141 17.04 32.19 10.83
CA SER D 141 16.87 33.56 11.31
C SER D 141 15.84 34.27 10.44
N PRO D 142 15.12 35.25 10.99
CA PRO D 142 14.13 36.00 10.20
C PRO D 142 14.67 37.15 9.37
N ALA D 143 15.97 37.43 9.40
CA ALA D 143 16.55 38.52 8.62
C ALA D 143 16.88 38.03 7.22
N LYS D 144 16.23 38.62 6.22
CA LYS D 144 16.46 38.20 4.84
C LYS D 144 17.89 38.48 4.40
N THR D 145 18.37 37.67 3.46
CA THR D 145 19.78 37.70 3.07
C THR D 145 20.14 39.04 2.44
N THR D 146 21.17 39.70 2.98
CA THR D 146 21.66 40.97 2.47
C THR D 146 23.08 40.78 1.95
N PRO D 147 23.35 41.17 0.70
CA PRO D 147 24.66 40.87 0.11
C PRO D 147 25.76 41.73 0.73
N PRO D 148 27.00 41.26 0.71
CA PRO D 148 28.09 42.00 1.35
C PRO D 148 28.60 43.13 0.47
N SER D 149 29.38 44.01 1.09
CA SER D 149 30.04 45.12 0.43
C SER D 149 31.54 44.89 0.52
N VAL D 150 32.19 44.67 -0.63
CA VAL D 150 33.61 44.36 -0.69
C VAL D 150 34.39 45.67 -0.84
N TYR D 151 35.27 45.94 0.11
CA TYR D 151 36.09 47.14 0.10
C TYR D 151 37.56 46.76 0.12
N PRO D 152 38.34 47.15 -0.89
CA PRO D 152 39.76 46.77 -0.91
C PRO D 152 40.56 47.56 0.12
N LEU D 153 41.73 47.00 0.46
CA LEU D 153 42.60 47.57 1.50
C LEU D 153 44.03 47.55 0.97
N ALA D 154 44.52 48.71 0.51
CA ALA D 154 45.88 48.84 0.02
C ALA D 154 46.69 49.72 0.97
N PRO D 155 48.00 49.43 1.13
CA PRO D 155 48.85 50.22 2.02
C PRO D 155 49.35 51.51 1.37
N ASN D 162 58.67 49.46 2.52
CA ASN D 162 58.19 48.80 1.31
C ASN D 162 58.83 47.42 1.18
N SER D 163 58.63 46.58 2.19
CA SER D 163 59.21 45.24 2.24
C SER D 163 58.18 44.26 2.75
N MET D 164 58.02 43.14 2.04
CA MET D 164 57.05 42.10 2.37
C MET D 164 55.67 42.72 2.59
N VAL D 165 55.13 43.29 1.51
CA VAL D 165 53.91 44.07 1.58
C VAL D 165 52.73 43.17 1.93
N THR D 166 51.92 43.62 2.89
CA THR D 166 50.71 42.92 3.30
C THR D 166 49.51 43.52 2.58
N LEU D 167 48.63 42.65 2.08
CA LEU D 167 47.46 43.06 1.31
C LEU D 167 46.19 42.69 2.08
N GLY D 168 45.23 43.61 2.10
CA GLY D 168 44.00 43.40 2.84
C GLY D 168 42.75 43.42 1.99
N CYS D 169 41.70 42.77 2.48
CA CYS D 169 40.41 42.74 1.79
C CYS D 169 39.31 42.66 2.85
N LEU D 170 38.41 43.64 2.83
CA LEU D 170 37.38 43.77 3.85
C LEU D 170 36.03 43.35 3.30
N VAL D 171 35.27 42.62 4.12
CA VAL D 171 33.91 42.19 3.79
C VAL D 171 33.01 42.65 4.93
N LYS D 172 32.18 43.66 4.66
CA LYS D 172 31.34 44.27 5.69
C LYS D 172 29.87 44.20 5.28
N GLY D 173 29.01 44.00 6.28
CA GLY D 173 27.58 44.06 6.07
C GLY D 173 27.00 42.94 5.25
N TYR D 174 26.86 41.75 5.85
CA TYR D 174 26.26 40.62 5.15
C TYR D 174 25.55 39.73 6.15
N PHE D 175 24.64 38.92 5.63
CA PHE D 175 23.86 37.98 6.43
C PHE D 175 23.28 36.92 5.49
N PRO D 176 23.39 35.63 5.83
CA PRO D 176 24.04 35.10 7.04
C PRO D 176 25.38 34.44 6.77
N GLU D 177 25.95 33.84 7.81
CA GLU D 177 27.16 33.04 7.67
C GLU D 177 26.87 31.83 6.78
N PRO D 178 27.84 31.39 5.96
CA PRO D 178 29.22 31.87 5.78
C PRO D 178 29.48 32.60 4.46
N VAL D 179 30.74 32.92 4.23
CA VAL D 179 31.19 33.58 3.00
C VAL D 179 32.57 33.04 2.65
N THR D 180 32.72 32.59 1.40
CA THR D 180 33.99 32.05 0.92
C THR D 180 34.85 33.17 0.35
N VAL D 181 36.14 33.16 0.71
CA VAL D 181 37.10 34.15 0.25
C VAL D 181 38.36 33.43 -0.23
N THR D 182 38.85 33.82 -1.41
CA THR D 182 40.09 33.29 -1.95
C THR D 182 40.88 34.42 -2.59
N TRP D 183 42.15 34.15 -2.90
CA TRP D 183 43.04 35.12 -3.51
C TRP D 183 43.57 34.55 -4.83
N ASN D 184 43.31 35.26 -5.93
CA ASN D 184 43.74 34.86 -7.26
C ASN D 184 43.22 33.47 -7.63
N SER D 185 41.94 33.23 -7.32
CA SER D 185 41.27 31.96 -7.65
C SER D 185 41.98 30.77 -7.02
N GLY D 186 42.52 30.99 -5.82
CA GLY D 186 43.18 29.91 -5.10
C GLY D 186 44.62 29.66 -5.47
N SER D 187 45.28 30.62 -6.14
CA SER D 187 46.68 30.44 -6.49
C SER D 187 47.60 30.79 -5.33
N LEU D 188 47.23 31.81 -4.55
CA LEU D 188 48.03 32.26 -3.42
C LEU D 188 47.53 31.60 -2.14
N SER D 189 48.44 30.95 -1.42
CA SER D 189 48.11 30.30 -0.16
C SER D 189 49.20 30.44 0.89
N SER D 190 50.47 30.58 0.52
CA SER D 190 51.54 30.72 1.49
C SER D 190 51.44 32.03 2.23
N GLY D 191 51.39 31.97 3.57
CA GLY D 191 51.33 33.15 4.39
C GLY D 191 50.11 34.01 4.15
N VAL D 192 48.94 33.39 4.10
CA VAL D 192 47.67 34.09 3.89
C VAL D 192 46.77 33.81 5.09
N HIS D 193 46.20 34.88 5.65
CA HIS D 193 45.32 34.78 6.81
C HIS D 193 43.94 35.33 6.45
N THR D 194 42.90 34.65 6.93
CA THR D 194 41.51 35.08 6.74
C THR D 194 40.87 35.15 8.12
N PHE D 195 40.52 36.35 8.55
CA PHE D 195 40.09 36.61 9.91
C PHE D 195 38.61 36.28 10.09
N PRO D 196 38.22 35.79 11.27
CA PRO D 196 36.86 35.29 11.46
C PRO D 196 35.82 36.40 11.39
N ALA D 197 34.56 35.97 11.31
CA ALA D 197 33.43 36.87 11.18
C ALA D 197 32.88 37.22 12.55
N VAL D 198 32.53 38.50 12.74
CA VAL D 198 31.95 38.98 13.98
C VAL D 198 30.57 39.55 13.69
N LEU D 199 29.70 39.51 14.70
CA LEU D 199 28.27 39.82 14.54
C LEU D 199 28.02 41.29 14.82
N GLN D 200 27.50 42.00 13.82
CA GLN D 200 27.38 43.46 13.81
C GLN D 200 25.91 43.86 13.87
N SER D 201 25.35 43.83 15.08
CA SER D 201 23.97 44.27 15.33
C SER D 201 23.03 43.79 14.23
N ASP D 202 22.91 42.46 14.12
CA ASP D 202 22.07 41.74 13.15
C ASP D 202 22.71 41.69 11.76
N LEU D 203 24.01 41.99 11.66
CA LEU D 203 24.76 41.76 10.43
C LEU D 203 26.13 41.22 10.81
N TYR D 204 26.89 40.79 9.79
CA TYR D 204 28.21 40.21 10.00
C TYR D 204 29.26 40.96 9.18
N THR D 205 30.53 40.76 9.54
CA THR D 205 31.63 41.49 8.92
C THR D 205 32.94 40.76 9.24
N LEU D 206 33.79 40.60 8.22
CA LEU D 206 35.10 39.99 8.40
C LEU D 206 36.08 40.63 7.42
N SER D 207 37.32 40.15 7.44
CA SER D 207 38.37 40.65 6.55
C SER D 207 39.40 39.56 6.34
N SER D 208 40.36 39.84 5.46
CA SER D 208 41.41 38.89 5.14
C SER D 208 42.70 39.63 4.81
N SER D 209 43.83 38.97 5.05
CA SER D 209 45.15 39.55 4.82
C SER D 209 46.04 38.53 4.13
N VAL D 210 46.72 38.97 3.07
CA VAL D 210 47.68 38.13 2.34
C VAL D 210 49.00 38.88 2.24
N THR D 211 50.09 38.20 2.55
CA THR D 211 51.42 38.78 2.51
C THR D 211 52.17 38.29 1.27
N VAL D 212 52.80 39.21 0.56
CA VAL D 212 53.47 38.91 -0.70
C VAL D 212 54.82 39.62 -0.73
N PRO D 213 55.74 39.15 -1.57
CA PRO D 213 57.02 39.86 -1.74
C PRO D 213 56.80 41.22 -2.37
N SER D 214 57.58 42.21 -1.89
CA SER D 214 57.34 43.59 -2.28
C SER D 214 57.57 43.82 -3.77
N SER D 215 58.36 42.95 -4.40
CA SER D 215 58.62 43.13 -5.83
C SER D 215 57.41 42.74 -6.68
N THR D 216 56.55 41.85 -6.16
CA THR D 216 55.44 41.35 -6.95
C THR D 216 54.27 42.31 -7.03
N TRP D 217 54.20 43.30 -6.13
CA TRP D 217 53.16 44.31 -6.18
C TRP D 217 53.81 45.69 -6.14
N PRO D 218 53.29 46.66 -6.92
CA PRO D 218 52.09 46.57 -7.78
C PRO D 218 52.36 46.06 -9.19
N SER D 219 53.47 45.34 -9.39
CA SER D 219 53.80 44.86 -10.73
C SER D 219 52.81 43.81 -11.22
N GLU D 220 52.30 42.97 -10.31
CA GLU D 220 51.35 41.93 -10.66
C GLU D 220 50.07 42.09 -9.84
N THR D 221 48.98 41.57 -10.38
CA THR D 221 47.64 41.85 -9.88
C THR D 221 47.15 40.73 -8.97
N VAL D 222 46.66 41.12 -7.79
CA VAL D 222 45.98 40.21 -6.87
C VAL D 222 44.53 40.65 -6.76
N THR D 223 43.62 39.68 -6.76
CA THR D 223 42.19 39.95 -6.77
C THR D 223 41.51 39.18 -5.65
N CYS D 224 40.77 39.91 -4.82
CA CYS D 224 39.97 39.28 -3.76
C CYS D 224 38.76 38.60 -4.38
N ASN D 225 38.56 37.33 -4.06
CA ASN D 225 37.48 36.52 -4.63
C ASN D 225 36.50 36.18 -3.50
N VAL D 226 35.40 36.94 -3.43
CA VAL D 226 34.40 36.79 -2.39
C VAL D 226 33.18 36.09 -2.97
N ALA D 227 32.49 35.31 -2.13
CA ALA D 227 31.30 34.58 -2.57
C ALA D 227 30.36 34.38 -1.40
N HIS D 228 29.10 34.75 -1.58
CA HIS D 228 28.07 34.57 -0.57
C HIS D 228 27.04 33.58 -1.10
N PRO D 229 26.97 32.36 -0.56
CA PRO D 229 26.08 31.35 -1.17
C PRO D 229 24.60 31.68 -1.04
N ALA D 230 24.16 32.18 0.11
CA ALA D 230 22.73 32.36 0.34
C ALA D 230 22.10 33.34 -0.65
N SER D 231 22.87 34.31 -1.14
CA SER D 231 22.36 35.31 -2.06
C SER D 231 23.01 35.24 -3.43
N SER D 232 23.74 34.17 -3.73
CA SER D 232 24.41 33.97 -5.02
C SER D 232 25.37 35.10 -5.37
N THR D 233 25.89 35.79 -4.37
CA THR D 233 26.79 36.91 -4.60
C THR D 233 28.19 36.42 -4.92
N LYS D 234 28.88 37.14 -5.82
CA LYS D 234 30.22 36.77 -6.23
C LYS D 234 30.93 38.03 -6.73
N VAL D 235 31.81 38.57 -5.89
CA VAL D 235 32.52 39.81 -6.17
C VAL D 235 34.00 39.50 -6.34
N ASP D 236 34.62 40.11 -7.37
CA ASP D 236 36.05 39.95 -7.65
C ASP D 236 36.66 41.34 -7.76
N LYS D 237 36.94 41.96 -6.62
CA LYS D 237 37.55 43.29 -6.56
C LYS D 237 39.05 43.14 -6.30
N LYS D 238 39.86 43.63 -7.23
CA LYS D 238 41.31 43.57 -7.10
C LYS D 238 41.83 44.74 -6.27
N ILE D 239 43.07 44.59 -5.81
CA ILE D 239 43.69 45.63 -5.00
C ILE D 239 44.42 46.63 -5.89
N ASP E 21 20.67 7.61 26.56
CA ASP E 21 21.68 8.66 26.44
C ASP E 21 22.94 8.28 27.22
N ILE E 22 24.05 8.90 26.85
CA ILE E 22 25.32 8.75 27.56
C ILE E 22 26.01 10.10 27.60
N VAL E 23 26.55 10.46 28.76
CA VAL E 23 27.33 11.69 28.94
C VAL E 23 28.81 11.35 28.80
N MET E 24 29.51 12.13 27.98
CA MET E 24 30.93 11.89 27.71
C MET E 24 31.74 13.02 28.33
N SER E 25 32.07 12.85 29.62
CA SER E 25 32.90 13.82 30.33
C SER E 25 34.34 13.71 29.85
N GLN E 26 34.83 14.75 29.21
CA GLN E 26 36.15 14.77 28.59
C GLN E 26 36.93 15.98 29.09
N SER E 27 38.02 15.75 29.80
CA SER E 27 38.86 16.80 30.34
C SER E 27 40.29 16.61 29.89
N PRO E 28 41.08 17.69 29.77
CA PRO E 28 40.70 19.09 30.01
C PRO E 28 40.07 19.77 28.80
N SER E 29 39.35 20.87 29.02
CA SER E 29 38.74 21.59 27.91
C SER E 29 39.80 22.36 27.11
N SER E 30 40.85 22.83 27.78
CA SER E 30 41.95 23.53 27.12
C SER E 30 43.26 22.87 27.50
N LEU E 31 44.24 22.94 26.60
CA LEU E 31 45.51 22.26 26.83
C LEU E 31 46.58 22.91 25.98
N ALA E 32 47.75 23.16 26.60
CA ALA E 32 48.88 23.78 25.93
C ALA E 32 50.12 22.94 26.20
N VAL E 33 50.78 22.48 25.13
CA VAL E 33 51.96 21.62 25.23
C VAL E 33 53.05 22.16 24.31
N SER E 34 54.25 21.62 24.47
CA SER E 34 55.39 22.00 23.65
C SER E 34 55.59 20.97 22.53
N VAL E 35 56.55 21.26 21.66
CA VAL E 35 56.80 20.47 20.47
C VAL E 35 57.73 19.32 20.83
N GLY E 36 57.31 18.09 20.51
CA GLY E 36 58.15 16.93 20.69
C GLY E 36 57.95 16.18 21.99
N GLU E 37 56.74 16.21 22.56
CA GLU E 37 56.50 15.59 23.85
C GLU E 37 55.34 14.62 23.80
N LYS E 38 54.95 14.10 24.96
CA LYS E 38 53.78 13.23 25.11
C LYS E 38 52.70 13.97 25.88
N VAL E 39 51.47 13.88 25.40
CA VAL E 39 50.31 14.45 26.08
C VAL E 39 49.21 13.40 26.11
N THR E 40 48.48 13.34 27.23
CA THR E 40 47.53 12.28 27.50
C THR E 40 46.11 12.83 27.45
N MET E 41 45.45 12.68 26.29
CA MET E 41 44.04 13.00 26.19
C MET E 41 43.23 12.10 27.13
N SER E 42 42.34 12.69 27.90
CA SER E 42 41.55 11.94 28.88
C SER E 42 40.07 12.11 28.61
N CYS E 43 39.33 11.01 28.71
CA CYS E 43 37.89 11.01 28.52
C CYS E 43 37.29 9.85 29.30
N LYS E 44 36.16 10.12 29.96
CA LYS E 44 35.47 9.12 30.76
C LYS E 44 33.99 9.14 30.43
N SER E 45 33.40 7.94 30.29
CA SER E 45 31.99 7.80 29.94
C SER E 45 31.14 7.68 31.20
N SER E 46 29.85 7.96 31.04
CA SER E 46 28.91 7.84 32.15
C SER E 46 28.66 6.38 32.50
N GLN E 47 28.46 5.54 31.50
CA GLN E 47 28.26 4.11 31.68
C GLN E 47 29.42 3.35 31.04
N SER E 48 29.55 2.09 31.41
CA SER E 48 30.60 1.25 30.86
C SER E 48 30.37 1.01 29.36
N LEU E 49 31.46 0.70 28.66
CA LEU E 49 31.45 0.46 27.23
C LEU E 49 32.18 -0.82 26.88
N PHE E 50 32.01 -1.86 27.68
CA PHE E 50 32.77 -3.10 27.52
C PHE E 50 31.82 -4.29 27.48
N TYR E 51 31.61 -4.83 26.28
CA TYR E 51 30.86 -6.08 26.15
C TYR E 51 31.57 -7.20 26.91
N SER E 52 30.76 -8.16 27.39
CA SER E 52 31.33 -9.30 28.10
C SER E 52 31.99 -10.28 27.13
N SER E 53 31.27 -10.69 26.10
CA SER E 53 31.81 -11.65 25.13
C SER E 53 32.73 -10.97 24.12
N ASN E 54 32.29 -9.83 23.57
CA ASN E 54 33.10 -9.13 22.56
C ASN E 54 34.49 -8.78 23.10
N GLN E 55 34.57 -8.42 24.38
CA GLN E 55 35.84 -8.08 25.03
C GLN E 55 36.51 -6.89 24.34
N LYS E 56 35.73 -5.93 23.88
CA LYS E 56 36.26 -4.72 23.26
C LYS E 56 35.45 -3.52 23.72
N ASN E 57 36.01 -2.33 23.52
CA ASN E 57 35.38 -1.09 23.95
C ASN E 57 34.90 -0.29 22.74
N TYR E 58 33.77 0.39 22.91
CA TYR E 58 33.13 1.10 21.80
C TYR E 58 33.36 2.60 21.93
N LEU E 59 34.60 3.00 21.74
CA LEU E 59 34.97 4.42 21.81
C LEU E 59 35.83 4.79 20.61
N ALA E 60 35.59 5.98 20.07
CA ALA E 60 36.31 6.47 18.90
C ALA E 60 36.79 7.89 19.17
N TRP E 61 38.03 8.17 18.76
CA TRP E 61 38.61 9.50 18.85
C TRP E 61 38.72 10.10 17.47
N TYR E 62 38.37 11.38 17.35
CA TYR E 62 38.38 12.09 16.07
C TYR E 62 39.22 13.33 16.18
N GLN E 63 39.80 13.73 15.06
CA GLN E 63 40.63 14.94 14.97
C GLN E 63 39.91 15.94 14.08
N GLN E 64 39.45 17.04 14.68
CA GLN E 64 38.77 18.13 13.96
C GLN E 64 39.75 19.28 13.83
N LYS E 65 40.49 19.29 12.73
CA LYS E 65 41.41 20.38 12.45
C LYS E 65 40.63 21.70 12.39
N PRO E 66 41.21 22.80 12.87
CA PRO E 66 40.52 24.09 12.77
C PRO E 66 40.26 24.47 11.31
N GLY E 67 39.02 24.86 11.03
CA GLY E 67 38.60 25.16 9.68
C GLY E 67 38.61 23.91 8.80
N GLN E 68 38.02 22.83 9.31
CA GLN E 68 38.05 21.55 8.61
C GLN E 68 37.07 20.60 9.27
N SER E 69 36.70 19.56 8.53
CA SER E 69 35.85 18.50 9.04
C SER E 69 36.65 17.53 9.91
N PRO E 70 35.98 16.82 10.82
CA PRO E 70 36.69 15.84 11.65
C PRO E 70 36.96 14.56 10.89
N LYS E 71 37.93 13.80 11.40
CA LYS E 71 38.31 12.53 10.80
C LYS E 71 38.71 11.54 11.90
N LEU E 72 38.40 10.27 11.67
CA LEU E 72 38.58 9.24 12.68
C LEU E 72 40.05 8.93 12.92
N LEU E 73 40.37 8.56 14.16
CA LEU E 73 41.73 8.19 14.55
C LEU E 73 41.80 6.71 14.92
N ILE E 74 41.27 6.32 16.07
CA ILE E 74 41.32 4.94 16.53
C ILE E 74 39.90 4.45 16.78
N TYR E 75 39.59 3.26 16.27
CA TYR E 75 38.35 2.57 16.59
C TYR E 75 38.62 1.44 17.57
N TRP E 76 37.56 1.01 18.26
CA TRP E 76 37.64 0.03 19.34
C TRP E 76 38.56 0.48 20.48
N ALA E 77 38.74 1.79 20.65
CA ALA E 77 39.51 2.41 21.72
C ALA E 77 40.98 1.98 21.75
N SER E 78 41.45 1.28 20.71
CA SER E 78 42.83 0.82 20.67
C SER E 78 43.31 0.68 19.22
N THR E 79 42.58 -0.10 18.43
CA THR E 79 42.92 -0.28 17.02
C THR E 79 42.86 1.06 16.30
N ARG E 80 43.86 1.32 15.45
CA ARG E 80 43.94 2.59 14.74
C ARG E 80 43.55 2.41 13.28
N GLU E 81 43.12 3.52 12.68
CA GLU E 81 42.73 3.55 11.29
C GLU E 81 43.96 3.53 10.39
N SER E 82 43.77 3.09 9.15
CA SER E 82 44.83 3.16 8.16
C SER E 82 45.16 4.62 7.84
N GLY E 83 46.44 4.95 7.84
CA GLY E 83 46.88 6.32 7.66
C GLY E 83 46.92 7.15 8.91
N VAL E 84 46.77 6.54 10.08
CA VAL E 84 46.82 7.24 11.36
C VAL E 84 48.23 7.09 11.93
N PRO E 85 48.84 8.16 12.41
CA PRO E 85 50.23 8.06 12.90
C PRO E 85 50.34 7.10 14.06
N ASP E 86 51.41 6.28 14.03
CA ASP E 86 51.63 5.29 15.07
C ASP E 86 51.82 5.91 16.44
N ARG E 87 52.15 7.20 16.51
CA ARG E 87 52.32 7.85 17.81
C ARG E 87 51.01 7.91 18.59
N PHE E 88 49.87 7.95 17.89
CA PHE E 88 48.56 7.98 18.54
C PHE E 88 48.23 6.58 19.04
N THR E 89 48.42 6.35 20.34
CA THR E 89 48.14 5.05 20.97
C THR E 89 47.10 5.28 22.05
N GLY E 90 45.83 5.07 21.72
CA GLY E 90 44.77 5.17 22.71
C GLY E 90 44.82 4.02 23.70
N SER E 91 44.09 4.21 24.80
CA SER E 91 44.10 3.24 25.89
C SER E 91 42.85 3.44 26.74
N GLY E 92 42.68 2.54 27.70
CA GLY E 92 41.56 2.59 28.61
C GLY E 92 40.56 1.47 28.38
N SER E 93 39.78 1.18 29.42
CA SER E 93 38.76 0.13 29.34
C SER E 93 37.65 0.45 30.33
N GLY E 94 36.42 0.12 29.95
CA GLY E 94 35.28 0.32 30.82
C GLY E 94 34.73 1.73 30.79
N THR E 95 35.26 2.60 31.63
CA THR E 95 34.79 3.98 31.74
C THR E 95 35.83 5.00 31.32
N ASP E 96 37.05 4.89 31.82
CA ASP E 96 38.11 5.84 31.51
C ASP E 96 38.89 5.39 30.28
N PHE E 97 39.18 6.35 29.39
CA PHE E 97 39.93 6.07 28.18
C PHE E 97 40.89 7.23 27.92
N THR E 98 42.11 6.90 27.51
CA THR E 98 43.14 7.92 27.34
C THR E 98 43.92 7.70 26.04
N LEU E 99 44.03 8.77 25.25
CA LEU E 99 44.83 8.78 24.02
C LEU E 99 46.16 9.50 24.29
N THR E 100 47.20 9.06 23.60
CA THR E 100 48.55 9.56 23.82
C THR E 100 49.25 9.78 22.49
N ILE E 101 49.94 10.92 22.36
CA ILE E 101 50.75 11.24 21.20
C ILE E 101 52.21 11.07 21.62
N SER E 102 52.90 10.10 21.01
CA SER E 102 54.27 9.80 21.41
C SER E 102 55.20 10.98 21.17
N SER E 103 55.04 11.67 20.04
CA SER E 103 55.86 12.82 19.69
C SER E 103 54.98 13.85 18.99
N VAL E 104 54.64 14.92 19.70
CA VAL E 104 53.75 15.93 19.15
C VAL E 104 54.41 16.63 17.97
N LYS E 105 53.63 16.86 16.92
CA LYS E 105 54.09 17.58 15.74
C LYS E 105 53.32 18.88 15.58
N ALA E 106 53.81 19.71 14.65
CA ALA E 106 53.20 21.01 14.39
C ALA E 106 52.08 20.94 13.36
N GLU E 107 51.69 19.74 12.93
CA GLU E 107 50.63 19.58 11.94
C GLU E 107 49.32 19.13 12.55
N ASP E 108 49.34 18.56 13.75
CA ASP E 108 48.12 18.02 14.36
C ASP E 108 47.71 18.80 15.60
N LEU E 109 47.51 20.11 15.47
CA LEU E 109 47.04 20.94 16.58
C LEU E 109 45.52 21.08 16.54
N ALA E 110 44.84 19.95 16.66
CA ALA E 110 43.40 19.92 16.43
C ALA E 110 42.65 19.56 17.71
N VAL E 111 41.36 19.92 17.71
CA VAL E 111 40.48 19.56 18.80
C VAL E 111 40.13 18.09 18.68
N TYR E 112 40.52 17.29 19.67
CA TYR E 112 40.24 15.86 19.66
C TYR E 112 38.91 15.59 20.35
N TYR E 113 38.08 14.77 19.74
CA TYR E 113 36.73 14.50 20.23
C TYR E 113 36.60 13.05 20.65
N CYS E 114 35.86 12.84 21.74
CA CYS E 114 35.68 11.54 22.37
C CYS E 114 34.23 11.11 22.17
N GLN E 115 34.02 10.11 21.32
CA GLN E 115 32.68 9.68 20.94
C GLN E 115 32.47 8.21 21.31
N GLN E 116 31.29 7.91 21.84
CA GLN E 116 30.89 6.56 22.17
C GLN E 116 29.91 6.04 21.13
N TYR E 117 29.92 4.72 20.93
CA TYR E 117 28.94 4.05 20.07
C TYR E 117 28.57 2.71 20.70
N TYR E 118 28.29 2.73 22.00
CA TYR E 118 27.93 1.54 22.76
C TYR E 118 26.42 1.27 22.70
N SER E 119 25.62 2.33 22.72
CA SER E 119 24.17 2.20 22.61
C SER E 119 23.60 3.50 22.08
N TYR E 120 22.41 3.41 21.51
CA TYR E 120 21.75 4.59 20.96
C TYR E 120 21.29 5.50 22.09
N PRO E 121 21.50 6.83 21.95
CA PRO E 121 22.17 7.48 20.82
C PRO E 121 23.67 7.66 21.03
N PRO E 122 24.42 7.81 19.94
CA PRO E 122 25.86 8.06 20.07
C PRO E 122 26.14 9.53 20.34
N THR E 123 26.85 9.81 21.43
CA THR E 123 27.19 11.16 21.83
C THR E 123 28.70 11.38 21.75
N PHE E 124 29.09 12.62 21.54
CA PHE E 124 30.49 13.00 21.43
C PHE E 124 30.96 13.65 22.74
N GLY E 125 32.24 14.05 22.76
CA GLY E 125 32.82 14.70 23.90
C GLY E 125 32.89 16.21 23.73
N GLY E 126 33.44 16.87 24.76
CA GLY E 126 33.59 18.31 24.72
C GLY E 126 34.74 18.80 23.86
N GLY E 127 35.72 17.97 23.62
CA GLY E 127 36.87 18.35 22.81
C GLY E 127 38.03 18.83 23.67
N THR E 128 39.24 18.55 23.19
CA THR E 128 40.48 18.96 23.86
C THR E 128 41.32 19.72 22.85
N LYS E 129 41.23 21.05 22.88
CA LYS E 129 42.04 21.88 21.99
C LYS E 129 43.52 21.64 22.27
N LEU E 130 44.31 21.63 21.21
CA LEU E 130 45.76 21.48 21.33
C LEU E 130 46.44 22.80 21.01
N GLU E 131 46.31 23.74 21.94
CA GLU E 131 47.19 24.91 21.93
C GLU E 131 48.61 24.46 22.21
N ILE E 132 49.59 25.19 21.67
CA ILE E 132 50.98 24.75 21.75
C ILE E 132 51.85 25.89 22.26
N LYS E 133 52.87 25.54 23.03
CA LYS E 133 53.88 26.49 23.46
C LYS E 133 54.86 26.72 22.32
N ARG E 134 55.02 27.99 21.93
CA ARG E 134 55.82 28.38 20.78
C ARG E 134 56.95 29.29 21.24
N ALA E 135 58.05 29.27 20.50
CA ALA E 135 59.12 30.23 20.75
C ALA E 135 58.59 31.64 20.49
N ASP E 136 58.79 32.52 21.47
CA ASP E 136 58.18 33.85 21.43
C ASP E 136 58.54 34.60 20.15
N ALA E 137 57.53 35.19 19.51
CA ALA E 137 57.70 35.92 18.27
C ALA E 137 57.01 37.28 18.38
N ALA E 138 57.32 38.17 17.40
CA ALA E 138 56.83 39.54 17.40
C ALA E 138 55.66 39.71 16.43
N PRO E 139 54.72 40.60 16.75
CA PRO E 139 53.59 40.84 15.86
C PRO E 139 53.93 41.80 14.73
N THR E 140 53.39 41.51 13.54
CA THR E 140 53.61 42.32 12.34
C THR E 140 52.34 43.13 12.10
N VAL E 141 52.28 44.32 12.70
CA VAL E 141 51.11 45.18 12.61
C VAL E 141 51.13 45.93 11.27
N SER E 142 49.94 46.20 10.73
CA SER E 142 49.82 46.89 9.45
C SER E 142 48.47 47.59 9.40
N ILE E 143 48.48 48.93 9.30
CA ILE E 143 47.26 49.73 9.29
C ILE E 143 46.84 49.99 7.84
N PHE E 144 45.52 50.06 7.61
CA PHE E 144 44.97 50.28 6.28
C PHE E 144 43.87 51.34 6.29
N PRO E 145 43.89 52.29 5.36
CA PRO E 145 42.87 53.34 5.34
C PRO E 145 41.61 52.87 4.65
N PRO E 146 40.49 53.56 4.87
CA PRO E 146 39.25 53.19 4.17
C PRO E 146 39.35 53.43 2.68
N SER E 147 38.54 52.69 1.94
CA SER E 147 38.54 52.80 0.49
C SER E 147 37.65 53.95 0.03
N SER E 148 37.95 54.47 -1.17
CA SER E 148 37.15 55.56 -1.72
C SER E 148 35.75 55.08 -2.08
N GLU E 149 35.65 53.90 -2.70
CA GLU E 149 34.33 53.32 -2.97
C GLU E 149 33.60 53.02 -1.67
N GLN E 150 34.34 52.81 -0.58
CA GLN E 150 33.72 52.60 0.73
C GLN E 150 33.13 53.90 1.27
N LEU E 151 33.80 55.03 1.01
CA LEU E 151 33.29 56.32 1.46
C LEU E 151 32.00 56.70 0.74
N THR E 152 31.83 56.23 -0.51
CA THR E 152 30.64 56.58 -1.28
C THR E 152 29.38 56.05 -0.61
N SER E 153 29.47 54.88 0.02
CA SER E 153 28.30 54.31 0.70
C SER E 153 27.90 55.13 1.91
N GLY E 154 28.84 55.82 2.55
CA GLY E 154 28.57 56.59 3.75
C GLY E 154 29.29 56.10 4.99
N GLY E 155 30.16 55.10 4.88
CA GLY E 155 30.90 54.59 6.02
C GLY E 155 32.39 54.79 5.84
N ALA E 156 33.12 54.59 6.94
CA ALA E 156 34.57 54.72 6.93
C ALA E 156 35.13 53.88 8.07
N SER E 157 35.93 52.87 7.72
CA SER E 157 36.46 51.94 8.71
C SER E 157 37.93 51.68 8.44
N VAL E 158 38.74 51.71 9.50
CA VAL E 158 40.18 51.48 9.44
C VAL E 158 40.49 50.14 10.09
N VAL E 159 41.42 49.40 9.51
CA VAL E 159 41.75 48.05 9.98
C VAL E 159 43.27 47.94 10.12
N CYS E 160 43.71 47.45 11.28
CA CYS E 160 45.13 47.19 11.56
C CYS E 160 45.34 45.69 11.63
N PHE E 161 46.16 45.16 10.71
CA PHE E 161 46.37 43.73 10.59
C PHE E 161 47.56 43.30 11.45
N LEU E 162 47.28 42.63 12.55
CA LEU E 162 48.31 41.98 13.37
C LEU E 162 48.30 40.49 13.06
N ASN E 163 49.46 39.93 12.76
CA ASN E 163 49.48 38.51 12.42
C ASN E 163 50.87 37.92 12.68
N ASN E 164 50.88 36.61 12.90
CA ASN E 164 52.09 35.81 13.09
C ASN E 164 52.90 36.33 14.27
N PHE E 165 52.35 36.09 15.46
CA PHE E 165 53.00 36.41 16.71
C PHE E 165 52.68 35.32 17.73
N TYR E 166 53.39 35.35 18.85
CA TYR E 166 53.14 34.43 19.94
C TYR E 166 53.45 35.15 21.24
N PRO E 167 52.56 35.07 22.25
CA PRO E 167 51.31 34.29 22.24
C PRO E 167 50.10 35.06 21.75
N LYS E 168 48.91 34.49 21.96
CA LYS E 168 47.67 35.12 21.53
C LYS E 168 47.30 36.30 22.41
N ASP E 169 47.74 36.29 23.66
CA ASP E 169 47.40 37.35 24.62
C ASP E 169 47.95 38.69 24.16
N ILE E 170 47.06 39.60 23.75
CA ILE E 170 47.46 40.91 23.26
C ILE E 170 46.25 41.83 23.37
N ASN E 171 46.50 43.14 23.39
CA ASN E 171 45.44 44.13 23.48
C ASN E 171 45.73 45.25 22.49
N VAL E 172 44.73 45.61 21.70
CA VAL E 172 44.87 46.64 20.66
C VAL E 172 44.06 47.85 21.10
N LYS E 173 44.73 49.00 21.20
CA LYS E 173 44.10 50.26 21.54
C LYS E 173 44.05 51.15 20.32
N TRP E 174 42.93 51.85 20.14
CA TRP E 174 42.71 52.71 18.99
C TRP E 174 42.75 54.17 19.43
N LYS E 175 43.68 54.93 18.88
CA LYS E 175 43.84 56.35 19.18
C LYS E 175 43.40 57.18 17.97
N ILE E 176 42.59 58.20 18.23
CA ILE E 176 42.10 59.10 17.20
C ILE E 176 42.43 60.52 17.63
N ASP E 177 43.36 61.16 16.90
CA ASP E 177 43.86 62.49 17.22
C ASP E 177 44.32 62.57 18.67
N GLY E 178 45.14 61.59 19.06
CA GLY E 178 45.68 61.55 20.41
C GLY E 178 44.78 60.84 21.39
N SER E 179 43.55 61.33 21.55
CA SER E 179 42.63 60.75 22.51
C SER E 179 42.20 59.34 22.09
N GLU E 180 41.90 58.51 23.10
CA GLU E 180 41.45 57.15 22.88
C GLU E 180 39.93 57.10 22.79
N ARG E 181 39.42 56.00 22.25
CA ARG E 181 38.00 55.80 22.11
C ARG E 181 37.71 54.30 22.04
N GLN E 182 36.55 53.91 22.55
CA GLN E 182 36.12 52.52 22.60
C GLN E 182 34.70 52.35 22.10
N ASN E 183 34.34 53.06 21.04
CA ASN E 183 32.97 53.07 20.52
C ASN E 183 32.95 52.35 19.17
N GLY E 184 32.45 51.11 19.20
CA GLY E 184 32.28 50.33 17.98
C GLY E 184 33.57 49.88 17.33
N VAL E 185 34.22 48.89 17.92
CA VAL E 185 35.49 48.37 17.44
C VAL E 185 35.40 46.84 17.34
N LEU E 186 35.73 46.31 16.17
CA LEU E 186 35.67 44.86 15.94
C LEU E 186 36.97 44.19 16.35
N ASN E 187 36.87 42.91 16.68
CA ASN E 187 38.04 42.16 17.13
C ASN E 187 37.94 40.73 16.63
N SER E 188 38.87 40.32 15.77
CA SER E 188 38.84 38.96 15.21
C SER E 188 40.13 38.23 15.55
N TRP E 189 40.01 37.11 16.25
CA TRP E 189 41.15 36.30 16.64
C TRP E 189 41.15 34.99 15.83
N THR E 190 42.32 34.61 15.35
CA THR E 190 42.46 33.45 14.47
C THR E 190 42.93 32.23 15.26
N ASP E 191 43.22 31.14 14.55
CA ASP E 191 43.73 29.91 15.11
C ASP E 191 45.20 29.76 14.76
N GLN E 192 45.85 28.79 15.40
CA GLN E 192 47.26 28.54 15.15
C GLN E 192 47.47 28.02 13.74
N ASP E 193 48.63 28.35 13.18
CA ASP E 193 49.01 27.89 11.85
C ASP E 193 49.69 26.54 11.93
N SER E 194 49.73 25.84 10.79
CA SER E 194 50.34 24.53 10.71
C SER E 194 51.83 24.60 10.39
N LYS E 195 52.29 25.68 9.77
CA LYS E 195 53.70 25.83 9.40
C LYS E 195 54.46 26.79 10.31
N ASP E 196 53.87 27.93 10.67
CA ASP E 196 54.51 28.86 11.58
C ASP E 196 54.01 28.75 13.02
N SER E 197 52.82 28.17 13.22
CA SER E 197 52.28 27.92 14.57
C SER E 197 52.14 29.21 15.36
N THR E 198 51.45 30.19 14.77
CA THR E 198 51.28 31.51 15.36
C THR E 198 49.81 31.90 15.33
N TYR E 199 49.49 32.99 16.02
CA TYR E 199 48.15 33.56 16.04
C TYR E 199 48.13 34.86 15.22
N SER E 200 46.92 35.40 15.06
CA SER E 200 46.73 36.63 14.31
C SER E 200 45.48 37.34 14.84
N MET E 201 45.36 38.62 14.51
CA MET E 201 44.22 39.40 14.98
C MET E 201 44.02 40.63 14.10
N SER E 202 42.77 40.97 13.86
CA SER E 202 42.40 42.18 13.13
C SER E 202 41.45 43.01 13.97
N SER E 203 41.29 44.27 13.59
CA SER E 203 40.42 45.19 14.31
C SER E 203 39.90 46.24 13.34
N THR E 204 38.66 46.66 13.55
CA THR E 204 37.98 47.58 12.63
C THR E 204 37.50 48.80 13.40
N LEU E 205 37.94 49.98 12.98
CA LEU E 205 37.52 51.25 13.59
C LEU E 205 36.37 51.81 12.78
N THR E 206 35.17 51.31 13.08
CA THR E 206 33.97 51.73 12.36
C THR E 206 33.63 53.17 12.71
N LEU E 207 33.39 53.99 11.68
CA LEU E 207 33.14 55.41 11.87
C LEU E 207 32.27 55.93 10.74
N THR E 208 31.54 57.01 11.03
CA THR E 208 30.73 57.66 10.01
C THR E 208 31.63 58.51 9.11
N LYS E 209 31.08 58.88 7.95
CA LYS E 209 31.85 59.68 7.00
C LYS E 209 32.09 61.09 7.54
N ASP E 210 31.07 61.69 8.16
CA ASP E 210 31.24 63.03 8.72
C ASP E 210 32.24 63.04 9.87
N GLU E 211 32.24 61.97 10.68
CA GLU E 211 33.20 61.88 11.78
C GLU E 211 34.61 61.64 11.26
N TYR E 212 34.74 60.90 10.16
CA TYR E 212 36.06 60.57 9.62
C TYR E 212 36.75 61.79 9.03
N GLU E 213 35.98 62.75 8.49
CA GLU E 213 36.54 63.91 7.83
C GLU E 213 36.76 65.09 8.77
N ARG E 214 36.95 64.82 10.07
CA ARG E 214 37.32 65.84 11.03
C ARG E 214 38.77 65.71 11.47
N HIS E 215 39.15 64.54 11.98
CA HIS E 215 40.52 64.29 12.39
C HIS E 215 41.37 63.92 11.18
N ASN E 216 42.69 63.99 11.38
CA ASN E 216 43.63 63.65 10.31
C ASN E 216 44.67 62.61 10.70
N SER E 217 44.90 62.37 12.00
CA SER E 217 45.84 61.35 12.46
C SER E 217 45.07 60.21 13.09
N TYR E 218 45.31 58.99 12.62
CA TYR E 218 44.64 57.80 13.11
C TYR E 218 45.68 56.73 13.42
N THR E 219 45.70 56.26 14.66
CA THR E 219 46.73 55.36 15.15
C THR E 219 46.11 54.16 15.86
N CYS E 220 46.79 53.03 15.79
CA CYS E 220 46.42 51.82 16.53
C CYS E 220 47.66 51.29 17.24
N GLU E 221 47.54 51.06 18.54
CA GLU E 221 48.65 50.58 19.36
C GLU E 221 48.31 49.23 19.97
N ALA E 222 49.23 48.27 19.81
CA ALA E 222 49.08 46.94 20.38
C ALA E 222 50.12 46.73 21.47
N THR E 223 49.76 45.93 22.47
CA THR E 223 50.60 45.68 23.64
C THR E 223 51.02 44.21 23.64
N HIS E 224 52.22 43.94 23.14
CA HIS E 224 52.76 42.60 23.07
C HIS E 224 53.93 42.45 24.04
N LYS E 225 54.14 41.21 24.51
CA LYS E 225 55.15 40.96 25.53
C LYS E 225 56.57 41.17 25.03
N THR E 226 56.80 41.10 23.72
CA THR E 226 58.15 41.20 23.19
C THR E 226 58.75 42.57 23.48
N SER E 227 58.01 43.63 23.20
CA SER E 227 58.49 44.99 23.39
C SER E 227 57.74 45.68 24.52
N THR E 228 58.38 46.69 25.10
CA THR E 228 57.75 47.50 26.13
C THR E 228 56.99 48.68 25.57
N SER E 229 57.30 49.11 24.36
CA SER E 229 56.56 50.19 23.73
C SER E 229 55.34 49.64 23.01
N PRO E 230 54.21 50.34 23.05
CA PRO E 230 53.05 49.91 22.26
C PRO E 230 53.36 49.98 20.77
N ILE E 231 53.41 48.82 20.11
CA ILE E 231 53.78 48.77 18.70
C ILE E 231 52.74 49.54 17.89
N VAL E 232 53.17 50.66 17.30
CA VAL E 232 52.25 51.66 16.75
C VAL E 232 52.49 51.78 15.25
N LYS E 233 51.40 51.92 14.50
CA LYS E 233 51.43 52.28 13.09
C LYS E 233 50.25 53.18 12.80
N SER E 234 50.49 54.30 12.13
CA SER E 234 49.48 55.33 11.95
C SER E 234 49.53 55.85 10.51
N PHE E 235 48.54 56.68 10.17
CA PHE E 235 48.50 57.35 8.88
C PHE E 235 47.93 58.75 9.06
N ASN E 236 48.35 59.66 8.19
CA ASN E 236 47.89 61.04 8.19
C ASN E 236 47.31 61.38 6.83
N ARG E 237 46.07 61.86 6.82
CA ARG E 237 45.39 62.23 5.57
C ARG E 237 46.09 63.40 4.89
#